data_9B43
#
_entry.id   9B43
#
_cell.length_a   1.00
_cell.length_b   1.00
_cell.length_c   1.00
_cell.angle_alpha   90.00
_cell.angle_beta   90.00
_cell.angle_gamma   90.00
#
_symmetry.space_group_name_H-M   'P 1'
#
_entity_poly.entity_id   1
_entity_poly.type   'polypeptide(L)'
_entity_poly.pdbx_seq_one_letter_code
;MSNPSHDAPTDAMGVSGPKHARPGGIAKWIRVLAVPIILVWVAIIAVLNTVVPQLDVVGEMRSVSMSPDDAPSVIAMKRV
GEVFEEFKSNSSVMIVLEGEQPLGDEAHKYYDEIVDKLEADPAHVEHVQDFWGDPLTASGAQSPDGLASYVQVYTRGNQG
EALANESVEAVQDIVESVPAPPGVKAYVTGPAALSADQHVASDRSVRVIEALTFAVIITMLLLVYRSIVTVILTLVMVVL
SLSAARGMIAFLGYHEIIGLSVFATNLLTTLAIAAATDYAIFLIGRYQEARSVGEDREQSYYTMFHSTAHVVLGSGMTIA
GATLCLHFTRMPYFQSLGIPLAIGMSVVVLASLTMGAAIISVASRFGKTFEPKRAMRTRGWRKLGAAVVRWPAPILVTTI
ALSVVGLLALPGYQTNYNDRRYLPQDLPANTGYAAADRHFSQARMNPELLMIESDHDLRNSADFLVVDRIAKRVFQVPGI
SRVQAITRPQGTPIEHTSIPFQISMSGTTQMMNMKYMQDRMADMLVMADEMQKSVDTMEEMLKITREMSDTTHSMVGKMH
GMVEDIKELRDHIADFDDFLRPIRNYFYWEPHCDSIPVCQSIRSIFDTLDGIDVMTDDIQRLMPDMDRLDELMPQMLTIM
PPMIESMKTMKTMMLTTQATMGGLQDQMEAAMENQTAMGQAFDASKNDDSFYLPPETFENPDFKRGMKMFLSPDGHAVRF
IISHEGDPMSPEGIKHIDAIKQAAKEAIKGTPLEGSKIYLGGTAATFKDLQEGANYDLIIAGIAALCLIFIIMLIITRAV
VASAVIVGTVVISLGASFGLSVLIWQHIIGLELHWMVLAMAVIVLLAVGADYNLLLVSRIKEEIHAGLNTGIIRSMGGTG
SVVTSAGLVFAFTMMSMAVSELAVIAQVGTTIGLGLLFDTLVIRSFMTPSIAALMGKWFWWPQRVRQRPLPAPWPQPVQR
DPEDALNRVHHHHHH
;
_entity_poly.pdbx_strand_id   A
#
# COMPACT_ATOMS: atom_id res chain seq x y z
N ALA A 21 36.50 0.69 -23.42
CA ALA A 21 36.55 -0.42 -22.49
C ALA A 21 37.95 -0.62 -21.92
N ARG A 22 38.73 0.46 -21.91
CA ARG A 22 40.09 0.40 -21.39
C ARG A 22 40.06 0.28 -19.87
N PRO A 23 40.87 -0.61 -19.28
CA PRO A 23 40.91 -0.71 -17.81
C PRO A 23 41.19 0.62 -17.13
N GLY A 24 40.24 1.07 -16.32
CA GLY A 24 40.42 2.32 -15.59
C GLY A 24 39.12 2.75 -14.95
N GLY A 25 39.24 3.74 -14.08
CA GLY A 25 38.08 4.31 -13.42
C GLY A 25 37.64 3.55 -12.18
N ILE A 26 36.36 3.64 -11.85
CA ILE A 26 35.83 2.96 -10.67
C ILE A 26 35.90 1.45 -10.84
N ALA A 27 35.83 0.98 -12.08
CA ALA A 27 35.86 -0.47 -12.32
C ALA A 27 37.17 -1.08 -11.83
N LYS A 28 38.29 -0.43 -12.12
CA LYS A 28 39.58 -0.93 -11.66
C LYS A 28 39.68 -0.90 -10.15
N TRP A 29 39.17 0.16 -9.52
CA TRP A 29 39.20 0.25 -8.06
C TRP A 29 38.38 -0.86 -7.43
N ILE A 30 37.20 -1.15 -7.97
CA ILE A 30 36.41 -2.25 -7.45
C ILE A 30 37.10 -3.59 -7.68
N ARG A 31 37.70 -3.78 -8.85
CA ARG A 31 38.37 -5.05 -9.14
C ARG A 31 39.54 -5.29 -8.19
N VAL A 32 40.34 -4.25 -7.91
CA VAL A 32 41.49 -4.45 -7.04
C VAL A 32 41.08 -4.49 -5.58
N LEU A 33 39.99 -3.82 -5.20
CA LEU A 33 39.49 -3.83 -3.84
C LEU A 33 38.27 -4.73 -3.67
N ALA A 34 38.18 -5.82 -4.45
CA ALA A 34 36.97 -6.64 -4.43
C ALA A 34 36.79 -7.32 -3.08
N VAL A 35 37.83 -7.98 -2.58
CA VAL A 35 37.72 -8.67 -1.30
C VAL A 35 37.44 -7.71 -0.15
N PRO A 36 38.13 -6.57 -0.01
CA PRO A 36 37.74 -5.63 1.05
C PRO A 36 36.32 -5.13 0.91
N ILE A 37 35.84 -4.89 -0.32
CA ILE A 37 34.46 -4.44 -0.51
C ILE A 37 33.48 -5.50 -0.03
N ILE A 38 33.72 -6.76 -0.40
CA ILE A 38 32.84 -7.84 0.03
C ILE A 38 32.85 -7.96 1.55
N LEU A 39 34.03 -7.89 2.16
CA LEU A 39 34.12 -8.02 3.61
C LEU A 39 33.42 -6.88 4.32
N VAL A 40 33.59 -5.65 3.82
CA VAL A 40 32.94 -4.50 4.44
C VAL A 40 31.43 -4.61 4.33
N TRP A 41 30.94 -5.02 3.16
CA TRP A 41 29.50 -5.18 2.99
C TRP A 41 28.95 -6.26 3.91
N VAL A 42 29.65 -7.38 4.03
CA VAL A 42 29.19 -8.46 4.91
C VAL A 42 29.20 -7.98 6.36
N ALA A 43 30.24 -7.25 6.76
CA ALA A 43 30.33 -6.77 8.13
C ALA A 43 29.19 -5.81 8.45
N ILE A 44 28.90 -4.88 7.54
CA ILE A 44 27.83 -3.93 7.84
C ILE A 44 26.47 -4.61 7.81
N ILE A 45 26.30 -5.63 6.95
CA ILE A 45 25.06 -6.40 6.96
C ILE A 45 24.87 -7.08 8.31
N ALA A 46 25.94 -7.70 8.81
CA ALA A 46 25.87 -8.37 10.11
C ALA A 46 25.57 -7.37 11.22
N VAL A 47 26.19 -6.19 11.16
CA VAL A 47 25.94 -5.17 12.18
C VAL A 47 24.48 -4.74 12.16
N LEU A 48 23.98 -4.41 10.97
CA LEU A 48 22.59 -3.93 10.88
C LEU A 48 21.60 -5.03 11.20
N ASN A 49 21.99 -6.30 11.09
CA ASN A 49 21.11 -7.39 11.45
C ASN A 49 21.25 -7.83 12.90
N THR A 50 22.30 -7.39 13.60
CA THR A 50 22.52 -7.78 14.98
C THR A 50 22.38 -6.64 15.99
N VAL A 51 22.21 -5.40 15.55
CA VAL A 51 21.97 -4.30 16.47
C VAL A 51 20.52 -3.85 16.49
N VAL A 52 19.68 -4.30 15.58
CA VAL A 52 18.25 -4.03 15.62
C VAL A 52 17.52 -5.36 15.56
N PRO A 53 16.30 -5.43 16.12
CA PRO A 53 15.62 -6.74 16.24
C PRO A 53 15.40 -7.43 14.91
N GLN A 54 14.63 -6.81 14.03
CA GLN A 54 14.34 -7.33 12.70
C GLN A 54 13.42 -6.31 12.03
N LEU A 55 13.33 -6.40 10.69
CA LEU A 55 12.46 -5.48 9.98
C LEU A 55 10.99 -5.70 10.33
N ASP A 56 10.56 -6.96 10.43
CA ASP A 56 9.17 -7.23 10.75
C ASP A 56 8.82 -6.74 12.15
N VAL A 57 9.71 -6.96 13.12
CA VAL A 57 9.46 -6.51 14.48
C VAL A 57 9.39 -4.99 14.52
N VAL A 58 10.31 -4.32 13.83
CA VAL A 58 10.30 -2.85 13.80
C VAL A 58 9.03 -2.33 13.15
N GLY A 59 8.63 -2.94 12.03
CA GLY A 59 7.41 -2.51 11.37
C GLY A 59 6.18 -2.71 12.24
N GLU A 60 6.17 -3.79 13.03
CA GLU A 60 5.11 -3.96 14.02
C GLU A 60 5.17 -2.86 15.07
N MET A 61 6.37 -2.50 15.51
CA MET A 61 6.52 -1.49 16.55
C MET A 61 6.33 -0.08 16.00
N ARG A 62 6.72 0.17 14.76
CA ARG A 62 6.72 1.50 14.17
C ARG A 62 5.61 1.66 13.13
N SER A 63 4.47 1.04 13.37
CA SER A 63 3.34 1.21 12.46
C SER A 63 2.86 2.65 12.48
N VAL A 64 2.42 3.14 11.33
CA VAL A 64 2.08 4.54 11.16
C VAL A 64 0.57 4.70 11.28
N SER A 65 0.14 5.91 11.65
CA SER A 65 -1.28 6.21 11.74
C SER A 65 -1.96 6.07 10.39
N MET A 66 -3.20 5.59 10.40
CA MET A 66 -3.93 5.43 9.15
C MET A 66 -4.41 6.78 8.62
N SER A 67 -4.54 7.78 9.49
CA SER A 67 -4.97 9.11 9.11
C SER A 67 -4.01 10.15 9.68
N PRO A 68 -3.83 11.26 8.98
CA PRO A 68 -2.96 12.33 9.50
C PRO A 68 -3.54 12.95 10.75
N ASP A 69 -2.64 13.44 11.60
CA ASP A 69 -3.06 14.03 12.87
C ASP A 69 -3.82 15.34 12.68
N ASP A 70 -3.72 15.97 11.52
CA ASP A 70 -4.42 17.22 11.25
C ASP A 70 -5.68 17.02 10.41
N ALA A 71 -6.07 15.78 10.15
CA ALA A 71 -7.27 15.53 9.37
C ALA A 71 -8.51 16.00 10.14
N PRO A 72 -9.51 16.55 9.44
CA PRO A 72 -10.72 17.01 10.16
C PRO A 72 -11.41 15.94 10.97
N SER A 73 -11.45 14.69 10.49
CA SER A 73 -12.11 13.64 11.26
C SER A 73 -11.36 13.35 12.55
N VAL A 74 -10.02 13.27 12.48
CA VAL A 74 -9.23 13.02 13.68
C VAL A 74 -9.39 14.15 14.68
N ILE A 75 -9.35 15.39 14.19
CA ILE A 75 -9.51 16.54 15.06
C ILE A 75 -10.89 16.52 15.71
N ALA A 76 -11.92 16.20 14.93
CA ALA A 76 -13.27 16.15 15.47
C ALA A 76 -13.41 15.08 16.54
N MET A 77 -12.87 13.88 16.29
CA MET A 77 -13.00 12.81 17.28
C MET A 77 -12.23 13.15 18.55
N LYS A 78 -11.02 13.70 18.41
CA LYS A 78 -10.26 14.08 19.60
C LYS A 78 -10.95 15.21 20.35
N ARG A 79 -11.59 16.14 19.64
CA ARG A 79 -12.35 17.19 20.30
C ARG A 79 -13.54 16.64 21.05
N VAL A 80 -14.24 15.65 20.47
CA VAL A 80 -15.34 15.01 21.17
C VAL A 80 -14.84 14.33 22.43
N GLY A 81 -13.70 13.64 22.34
CA GLY A 81 -13.15 13.00 23.52
C GLY A 81 -12.72 13.99 24.58
N GLU A 82 -12.17 15.13 24.17
CA GLU A 82 -11.68 16.11 25.13
C GLU A 82 -12.82 16.85 25.81
N VAL A 83 -13.83 17.25 25.05
CA VAL A 83 -14.95 18.00 25.62
C VAL A 83 -15.71 17.17 26.63
N PHE A 84 -15.96 15.90 26.30
CA PHE A 84 -16.67 15.00 27.19
C PHE A 84 -15.78 14.41 28.27
N GLU A 85 -14.46 14.66 28.22
CA GLU A 85 -13.51 14.16 29.21
C GLU A 85 -13.59 12.65 29.37
N GLU A 86 -13.71 11.95 28.24
CA GLU A 86 -13.76 10.48 28.24
C GLU A 86 -12.50 9.85 27.68
N PHE A 87 -12.08 10.25 26.48
CA PHE A 87 -10.90 9.69 25.86
C PHE A 87 -10.09 10.83 25.24
N LYS A 88 -8.88 10.50 24.79
CA LYS A 88 -8.02 11.48 24.13
C LYS A 88 -7.34 10.94 22.88
N SER A 89 -7.60 9.70 22.49
CA SER A 89 -6.99 9.08 21.32
C SER A 89 -8.03 8.93 20.22
N ASN A 90 -7.61 8.31 19.11
CA ASN A 90 -8.50 8.15 17.96
C ASN A 90 -8.64 6.68 17.59
N SER A 91 -8.83 5.82 18.58
CA SER A 91 -8.99 4.39 18.35
C SER A 91 -10.20 3.88 19.11
N SER A 92 -10.99 3.05 18.46
CA SER A 92 -12.15 2.44 19.08
C SER A 92 -12.49 1.15 18.37
N VAL A 93 -12.87 0.13 19.16
CA VAL A 93 -13.28 -1.15 18.62
C VAL A 93 -14.65 -1.50 19.20
N MET A 94 -15.39 -2.32 18.47
CA MET A 94 -16.72 -2.73 18.86
C MET A 94 -16.69 -4.16 19.37
N ILE A 95 -17.26 -4.36 20.56
CA ILE A 95 -17.41 -5.69 21.15
C ILE A 95 -18.86 -6.09 21.00
N VAL A 96 -19.10 -7.16 20.25
CA VAL A 96 -20.45 -7.62 19.93
C VAL A 96 -20.66 -8.98 20.58
N LEU A 97 -21.81 -9.14 21.23
CA LEU A 97 -22.20 -10.41 21.82
C LEU A 97 -23.20 -11.10 20.92
N GLU A 98 -22.98 -12.36 20.62
CA GLU A 98 -23.86 -13.14 19.76
C GLU A 98 -24.22 -14.44 20.49
N GLY A 99 -25.49 -14.63 20.76
CA GLY A 99 -25.96 -15.79 21.50
C GLY A 99 -27.04 -16.53 20.73
N GLU A 100 -27.05 -17.85 20.87
CA GLU A 100 -28.08 -18.66 20.21
C GLU A 100 -29.46 -18.33 20.74
N GLN A 101 -29.59 -18.19 22.05
CA GLN A 101 -30.80 -17.78 22.75
C GLN A 101 -30.85 -16.27 22.91
N PRO A 102 -32.02 -15.68 23.10
CA PRO A 102 -32.10 -14.23 23.31
C PRO A 102 -31.25 -13.82 24.52
N LEU A 103 -30.58 -12.69 24.39
CA LEU A 103 -29.70 -12.20 25.44
C LEU A 103 -30.51 -11.77 26.65
N GLY A 104 -30.42 -12.55 27.73
CA GLY A 104 -31.19 -12.29 28.93
C GLY A 104 -30.37 -12.47 30.20
N ASP A 105 -30.86 -13.31 31.10
CA ASP A 105 -30.16 -13.56 32.35
C ASP A 105 -28.80 -14.20 32.07
N GLU A 106 -27.81 -13.77 32.86
CA GLU A 106 -26.42 -14.20 32.82
C GLU A 106 -25.70 -13.63 31.61
N ALA A 107 -26.44 -13.13 30.62
CA ALA A 107 -25.80 -12.48 29.49
C ALA A 107 -25.45 -11.03 29.83
N HIS A 108 -26.38 -10.34 30.48
CA HIS A 108 -26.08 -9.03 31.04
C HIS A 108 -24.95 -9.13 32.05
N LYS A 109 -24.93 -10.22 32.84
CA LYS A 109 -23.81 -10.41 33.77
C LYS A 109 -22.50 -10.55 33.04
N TYR A 110 -22.42 -11.48 32.07
CA TYR A 110 -21.20 -11.68 31.30
C TYR A 110 -20.72 -10.36 30.70
N TYR A 111 -21.64 -9.59 30.13
CA TYR A 111 -21.31 -8.26 29.65
C TYR A 111 -20.76 -7.38 30.78
N ASP A 112 -21.30 -7.55 31.99
CA ASP A 112 -20.86 -6.72 33.11
C ASP A 112 -19.43 -7.04 33.53
N GLU A 113 -19.07 -8.31 33.65
CA GLU A 113 -17.66 -8.60 33.94
C GLU A 113 -16.76 -8.15 32.80
N ILE A 114 -17.22 -8.28 31.54
CA ILE A 114 -16.39 -7.82 30.43
C ILE A 114 -16.11 -6.33 30.55
N VAL A 115 -17.15 -5.52 30.76
CA VAL A 115 -16.95 -4.08 30.83
C VAL A 115 -16.20 -3.68 32.10
N ASP A 116 -16.38 -4.42 33.20
CA ASP A 116 -15.65 -4.11 34.42
C ASP A 116 -14.17 -4.36 34.25
N LYS A 117 -13.80 -5.49 33.65
CA LYS A 117 -12.39 -5.73 33.38
C LYS A 117 -11.84 -4.79 32.33
N LEU A 118 -12.68 -4.29 31.43
CA LEU A 118 -12.23 -3.29 30.47
C LEU A 118 -11.92 -1.97 31.16
N GLU A 119 -12.79 -1.54 32.07
CA GLU A 119 -12.56 -0.29 32.79
C GLU A 119 -11.46 -0.41 33.85
N ALA A 120 -10.99 -1.62 34.14
CA ALA A 120 -9.91 -1.84 35.09
C ALA A 120 -8.55 -1.87 34.39
N ASP A 121 -8.50 -1.54 33.11
CA ASP A 121 -7.26 -1.54 32.33
C ASP A 121 -7.13 -0.19 31.63
N PRO A 122 -6.81 0.87 32.38
CA PRO A 122 -6.62 2.18 31.75
C PRO A 122 -5.44 2.25 30.80
N ALA A 123 -4.52 1.28 30.87
CA ALA A 123 -3.36 1.29 30.00
C ALA A 123 -3.75 1.15 28.53
N HIS A 124 -4.87 0.48 28.25
CA HIS A 124 -5.31 0.28 26.88
C HIS A 124 -6.70 0.83 26.63
N VAL A 125 -7.61 0.69 27.58
CA VAL A 125 -9.00 1.15 27.41
C VAL A 125 -9.12 2.54 28.04
N GLU A 126 -9.56 3.51 27.24
CA GLU A 126 -9.75 4.87 27.72
C GLU A 126 -11.17 5.11 28.20
N HIS A 127 -12.17 4.59 27.48
CA HIS A 127 -13.56 4.77 27.85
C HIS A 127 -14.39 3.66 27.27
N VAL A 128 -15.45 3.28 27.98
CA VAL A 128 -16.40 2.26 27.54
C VAL A 128 -17.76 2.91 27.45
N GLN A 129 -18.30 3.04 26.24
CA GLN A 129 -19.59 3.69 26.03
C GLN A 129 -20.70 2.66 26.26
N ASP A 130 -21.02 2.46 27.54
CA ASP A 130 -21.96 1.43 27.94
C ASP A 130 -23.39 1.85 27.70
N PHE A 131 -23.94 1.52 26.53
CA PHE A 131 -25.34 1.76 26.24
C PHE A 131 -26.23 0.61 26.70
N TRP A 132 -25.78 -0.63 26.51
CA TRP A 132 -26.61 -1.79 26.81
C TRP A 132 -26.82 -1.98 28.30
N GLY A 133 -25.90 -1.51 29.14
CA GLY A 133 -26.07 -1.64 30.57
C GLY A 133 -27.01 -0.64 31.20
N ASP A 134 -27.50 0.32 30.42
CA ASP A 134 -28.42 1.34 30.91
C ASP A 134 -29.82 1.02 30.44
N PRO A 135 -30.78 0.83 31.34
CA PRO A 135 -32.16 0.53 30.88
C PRO A 135 -32.74 1.60 29.98
N LEU A 136 -32.30 2.85 30.15
CA LEU A 136 -32.75 3.93 29.27
C LEU A 136 -32.33 3.67 27.83
N THR A 137 -31.09 3.22 27.64
CA THR A 137 -30.53 3.04 26.30
C THR A 137 -30.24 1.58 25.98
N ALA A 138 -30.81 0.64 26.74
CA ALA A 138 -30.56 -0.77 26.49
C ALA A 138 -31.10 -1.19 25.13
N SER A 139 -32.28 -0.69 24.76
CA SER A 139 -32.89 -1.09 23.50
C SER A 139 -32.08 -0.61 22.30
N GLY A 140 -31.29 0.45 22.48
CA GLY A 140 -30.51 0.97 21.37
C GLY A 140 -29.28 0.17 21.04
N ALA A 141 -28.87 -0.75 21.91
CA ALA A 141 -27.68 -1.57 21.69
C ALA A 141 -28.02 -3.01 21.38
N GLN A 142 -29.30 -3.34 21.17
CA GLN A 142 -29.72 -4.69 20.89
C GLN A 142 -30.26 -4.82 19.47
N SER A 143 -30.14 -6.03 18.93
CA SER A 143 -30.72 -6.33 17.65
C SER A 143 -32.23 -6.52 17.78
N PRO A 144 -33.00 -6.29 16.71
CA PRO A 144 -34.45 -6.46 16.81
C PRO A 144 -34.87 -7.85 17.24
N ASP A 145 -34.15 -8.89 16.79
CA ASP A 145 -34.48 -10.24 17.21
C ASP A 145 -34.04 -10.55 18.64
N GLY A 146 -33.26 -9.68 19.25
CA GLY A 146 -32.84 -9.87 20.62
C GLY A 146 -31.75 -10.89 20.83
N LEU A 147 -31.11 -11.37 19.76
CA LEU A 147 -30.08 -12.38 19.85
C LEU A 147 -28.68 -11.80 19.90
N ALA A 148 -28.52 -10.47 19.84
CA ALA A 148 -27.19 -9.88 19.81
C ALA A 148 -27.20 -8.52 20.47
N SER A 149 -26.03 -8.11 20.95
CA SER A 149 -25.84 -6.78 21.50
C SER A 149 -24.38 -6.38 21.28
N TYR A 150 -24.12 -5.08 21.36
CA TYR A 150 -22.78 -4.57 21.13
C TYR A 150 -22.50 -3.39 22.04
N VAL A 151 -21.22 -3.15 22.27
CA VAL A 151 -20.75 -2.00 23.05
C VAL A 151 -19.52 -1.43 22.37
N GLN A 152 -19.43 -0.11 22.31
CA GLN A 152 -18.28 0.57 21.74
C GLN A 152 -17.31 0.94 22.86
N VAL A 153 -16.07 0.46 22.74
CA VAL A 153 -15.03 0.74 23.71
C VAL A 153 -13.93 1.54 23.01
N TYR A 154 -13.52 2.63 23.64
CA TYR A 154 -12.51 3.53 23.07
C TYR A 154 -11.15 3.18 23.65
N THR A 155 -10.24 2.75 22.79
CA THR A 155 -8.90 2.36 23.20
C THR A 155 -7.91 3.47 22.91
N ARG A 156 -6.70 3.33 23.44
CA ARG A 156 -5.64 4.29 23.20
C ARG A 156 -4.89 3.95 21.92
N GLY A 157 -4.53 4.97 21.18
CA GLY A 157 -3.94 4.84 19.87
C GLY A 157 -4.72 5.62 18.82
N ASN A 158 -4.16 5.62 17.61
CA ASN A 158 -4.73 6.41 16.52
C ASN A 158 -5.10 5.53 15.34
N GLN A 159 -5.59 4.32 15.61
CA GLN A 159 -6.17 3.43 14.61
C GLN A 159 -5.17 3.15 13.48
N GLY A 160 -4.09 2.48 13.85
CA GLY A 160 -3.07 2.14 12.89
C GLY A 160 -1.66 2.16 13.48
N GLU A 161 -1.46 2.95 14.53
CA GLU A 161 -0.20 2.89 15.24
C GLU A 161 -0.06 1.56 15.96
N ALA A 162 1.16 1.28 16.43
CA ALA A 162 1.36 0.09 17.23
C ALA A 162 0.52 0.13 18.49
N LEU A 163 0.56 1.25 19.21
CA LEU A 163 -0.15 1.35 20.49
C LEU A 163 -1.61 0.95 20.34
N ALA A 164 -2.25 1.35 19.24
CA ALA A 164 -3.61 0.88 18.96
C ALA A 164 -3.65 -0.62 18.77
N ASN A 165 -2.58 -1.20 18.21
CA ASN A 165 -2.57 -2.65 17.99
C ASN A 165 -2.49 -3.41 19.31
N GLU A 166 -1.60 -3.00 20.22
CA GLU A 166 -1.61 -3.66 21.52
C GLU A 166 -2.88 -3.34 22.29
N SER A 167 -3.50 -2.20 22.04
CA SER A 167 -4.78 -1.91 22.68
C SER A 167 -5.85 -2.91 22.23
N VAL A 168 -5.92 -3.16 20.92
CA VAL A 168 -6.89 -4.13 20.40
C VAL A 168 -6.56 -5.54 20.91
N GLU A 169 -5.28 -5.89 20.95
CA GLU A 169 -4.89 -7.20 21.47
C GLU A 169 -5.29 -7.35 22.93
N ALA A 170 -5.08 -6.31 23.74
CA ALA A 170 -5.47 -6.38 25.14
C ALA A 170 -6.98 -6.48 25.30
N VAL A 171 -7.74 -5.77 24.46
CA VAL A 171 -9.19 -5.87 24.52
C VAL A 171 -9.63 -7.28 24.18
N GLN A 172 -9.04 -7.88 23.15
CA GLN A 172 -9.40 -9.25 22.78
C GLN A 172 -9.05 -10.23 23.89
N ASP A 173 -7.88 -10.05 24.53
CA ASP A 173 -7.50 -10.91 25.62
C ASP A 173 -8.46 -10.79 26.79
N ILE A 174 -8.86 -9.56 27.12
CA ILE A 174 -9.82 -9.35 28.21
C ILE A 174 -11.14 -10.02 27.89
N VAL A 175 -11.60 -9.88 26.64
CA VAL A 175 -12.86 -10.49 26.24
C VAL A 175 -12.79 -12.01 26.34
N GLU A 176 -11.70 -12.59 25.86
CA GLU A 176 -11.58 -14.05 25.87
C GLU A 176 -11.31 -14.62 27.26
N SER A 177 -10.79 -13.80 28.18
CA SER A 177 -10.51 -14.31 29.52
C SER A 177 -11.78 -14.65 30.28
N VAL A 178 -12.83 -13.86 30.12
CA VAL A 178 -14.06 -14.06 30.88
C VAL A 178 -14.74 -15.35 30.40
N PRO A 179 -15.15 -16.25 31.30
CA PRO A 179 -15.85 -17.46 30.87
C PRO A 179 -17.23 -17.12 30.33
N ALA A 180 -17.56 -17.70 29.19
CA ALA A 180 -18.80 -17.37 28.50
C ALA A 180 -19.97 -18.18 29.04
N PRO A 181 -21.18 -17.63 28.98
CA PRO A 181 -22.37 -18.41 29.33
C PRO A 181 -22.61 -19.50 28.31
N PRO A 182 -23.41 -20.52 28.65
CA PRO A 182 -23.59 -21.65 27.73
C PRO A 182 -24.41 -21.27 26.50
N GLY A 183 -23.77 -20.58 25.54
CA GLY A 183 -24.42 -20.25 24.29
C GLY A 183 -24.18 -18.83 23.84
N VAL A 184 -23.42 -18.07 24.61
CA VAL A 184 -23.14 -16.67 24.31
C VAL A 184 -21.67 -16.55 23.92
N LYS A 185 -21.41 -15.92 22.78
CA LYS A 185 -20.06 -15.72 22.27
C LYS A 185 -19.85 -14.24 21.99
N ALA A 186 -18.66 -13.75 22.34
CA ALA A 186 -18.32 -12.34 22.17
C ALA A 186 -17.21 -12.18 21.15
N TYR A 187 -17.33 -11.16 20.32
CA TYR A 187 -16.35 -10.87 19.29
C TYR A 187 -15.92 -9.41 19.38
N VAL A 188 -14.69 -9.13 18.98
CA VAL A 188 -14.13 -7.79 19.00
C VAL A 188 -13.94 -7.36 17.54
N THR A 189 -14.75 -6.41 17.09
CA THR A 189 -14.69 -5.92 15.73
C THR A 189 -14.49 -4.40 15.73
N GLY A 190 -14.54 -3.80 14.55
CA GLY A 190 -14.36 -2.37 14.40
C GLY A 190 -13.22 -2.05 13.45
N PRO A 191 -13.22 -0.83 12.91
CA PRO A 191 -12.14 -0.46 11.99
C PRO A 191 -10.75 -0.54 12.60
N ALA A 192 -10.61 -0.17 13.87
CA ALA A 192 -9.34 -0.35 14.55
C ALA A 192 -8.96 -1.82 14.67
N ALA A 193 -9.94 -2.69 14.93
CA ALA A 193 -9.69 -4.11 14.94
C ALA A 193 -9.24 -4.61 13.56
N LEU A 194 -9.87 -4.12 12.50
CA LEU A 194 -9.46 -4.51 11.16
C LEU A 194 -8.02 -4.09 10.88
N SER A 195 -7.66 -2.86 11.25
CA SER A 195 -6.29 -2.41 11.05
C SER A 195 -5.32 -3.24 11.88
N ALA A 196 -5.69 -3.58 13.12
CA ALA A 196 -4.82 -4.37 13.97
C ALA A 196 -4.61 -5.77 13.39
N ASP A 197 -5.66 -6.38 12.87
CA ASP A 197 -5.53 -7.72 12.31
C ASP A 197 -4.90 -7.72 10.92
N GLN A 198 -4.81 -6.56 10.26
CA GLN A 198 -4.01 -6.51 9.04
C GLN A 198 -2.57 -6.92 9.31
N HIS A 199 -2.01 -6.47 10.43
CA HIS A 199 -0.62 -6.82 10.75
C HIS A 199 -0.46 -8.31 10.99
N VAL A 200 -1.41 -8.94 11.68
CA VAL A 200 -1.27 -10.37 11.96
C VAL A 200 -1.59 -11.17 10.71
N ALA A 201 -2.38 -10.63 9.79
CA ALA A 201 -2.58 -11.30 8.51
C ALA A 201 -1.31 -11.25 7.66
N SER A 202 -0.61 -10.12 7.69
CA SER A 202 0.67 -10.02 6.99
C SER A 202 1.68 -10.97 7.60
N ASP A 203 1.88 -10.88 8.91
CA ASP A 203 2.91 -11.70 9.56
C ASP A 203 2.39 -13.10 9.82
N ARG A 204 1.73 -13.68 8.82
CA ARG A 204 1.53 -15.11 8.69
C ARG A 204 1.73 -15.57 7.25
N SER A 205 1.78 -14.66 6.29
CA SER A 205 1.97 -15.00 4.89
C SER A 205 3.19 -14.32 4.28
N VAL A 206 3.85 -13.41 4.99
CA VAL A 206 5.08 -12.83 4.46
C VAL A 206 6.15 -13.90 4.28
N ARG A 207 6.20 -14.86 5.21
CA ARG A 207 7.15 -15.97 5.08
C ARG A 207 6.82 -16.83 3.86
N VAL A 208 5.54 -17.09 3.63
CA VAL A 208 5.14 -17.84 2.44
C VAL A 208 5.52 -17.08 1.19
N ILE A 209 5.32 -15.76 1.20
CA ILE A 209 5.68 -14.93 0.06
C ILE A 209 7.17 -15.06 -0.25
N GLU A 210 8.01 -14.91 0.76
CA GLU A 210 9.45 -14.95 0.51
C GLU A 210 9.89 -16.34 0.10
N ALA A 211 9.30 -17.39 0.69
CA ALA A 211 9.66 -18.75 0.30
C ALA A 211 9.30 -19.02 -1.16
N LEU A 212 8.08 -18.65 -1.57
CA LEU A 212 7.67 -18.85 -2.95
C LEU A 212 8.51 -18.02 -3.90
N THR A 213 8.84 -16.78 -3.51
CA THR A 213 9.67 -15.92 -4.35
C THR A 213 11.04 -16.55 -4.57
N PHE A 214 11.66 -17.05 -3.49
CA PHE A 214 12.97 -17.66 -3.64
C PHE A 214 12.91 -18.94 -4.45
N ALA A 215 11.86 -19.74 -4.28
CA ALA A 215 11.71 -20.93 -5.10
C ALA A 215 11.58 -20.58 -6.57
N VAL A 216 10.76 -19.58 -6.89
CA VAL A 216 10.57 -19.17 -8.28
C VAL A 216 11.89 -18.68 -8.87
N ILE A 217 12.61 -17.84 -8.13
CA ILE A 217 13.85 -17.29 -8.67
C ILE A 217 14.91 -18.37 -8.82
N ILE A 218 14.98 -19.31 -7.87
CA ILE A 218 15.92 -20.41 -8.01
C ILE A 218 15.62 -21.22 -9.26
N THR A 219 14.35 -21.55 -9.46
CA THR A 219 13.96 -22.32 -10.64
C THR A 219 14.32 -21.59 -11.92
N MET A 220 14.03 -20.29 -11.97
CA MET A 220 14.21 -19.57 -13.22
C MET A 220 15.67 -19.26 -13.50
N LEU A 221 16.47 -19.04 -12.46
CA LEU A 221 17.91 -18.93 -12.65
C LEU A 221 18.51 -20.24 -13.11
N LEU A 222 18.02 -21.36 -12.58
CA LEU A 222 18.47 -22.66 -13.06
C LEU A 222 18.14 -22.85 -14.53
N LEU A 223 16.94 -22.44 -14.94
CA LEU A 223 16.56 -22.53 -16.35
C LEU A 223 17.43 -21.63 -17.21
N VAL A 224 17.72 -20.42 -16.73
CA VAL A 224 18.45 -19.45 -17.55
C VAL A 224 19.91 -19.87 -17.72
N TYR A 225 20.55 -20.28 -16.62
CA TYR A 225 21.99 -20.49 -16.64
C TYR A 225 22.42 -21.94 -16.78
N ARG A 226 21.59 -22.89 -16.35
CA ARG A 226 21.93 -24.31 -16.34
C ARG A 226 23.21 -24.59 -15.56
N SER A 227 23.60 -23.69 -14.67
CA SER A 227 24.79 -23.86 -13.86
C SER A 227 24.43 -23.70 -12.39
N ILE A 228 24.96 -24.58 -11.56
CA ILE A 228 24.64 -24.52 -10.13
C ILE A 228 25.48 -23.45 -9.44
N VAL A 229 26.74 -23.29 -9.86
CA VAL A 229 27.61 -22.30 -9.22
C VAL A 229 27.11 -20.89 -9.50
N THR A 230 26.74 -20.62 -10.75
CA THR A 230 26.24 -19.28 -11.09
C THR A 230 24.96 -18.97 -10.33
N VAL A 231 24.05 -19.94 -10.23
CA VAL A 231 22.81 -19.72 -9.48
C VAL A 231 23.12 -19.49 -8.01
N ILE A 232 24.04 -20.27 -7.44
CA ILE A 232 24.37 -20.11 -6.03
C ILE A 232 24.95 -18.72 -5.77
N LEU A 233 25.84 -18.26 -6.65
CA LEU A 233 26.43 -16.93 -6.47
C LEU A 233 25.39 -15.83 -6.66
N THR A 234 24.47 -16.00 -7.61
CA THR A 234 23.41 -15.01 -7.77
C THR A 234 22.52 -14.96 -6.54
N LEU A 235 22.20 -16.12 -5.96
CA LEU A 235 21.46 -16.14 -4.71
C LEU A 235 22.23 -15.47 -3.59
N VAL A 236 23.55 -15.66 -3.54
CA VAL A 236 24.35 -14.99 -2.52
C VAL A 236 24.25 -13.48 -2.66
N MET A 237 24.40 -12.98 -3.89
CA MET A 237 24.30 -11.55 -4.12
C MET A 237 22.92 -11.02 -3.74
N VAL A 238 21.87 -11.73 -4.16
CA VAL A 238 20.51 -11.28 -3.89
C VAL A 238 20.22 -11.27 -2.40
N VAL A 239 20.62 -12.34 -1.70
CA VAL A 239 20.37 -12.44 -0.27
C VAL A 239 21.13 -11.36 0.48
N LEU A 240 22.40 -11.13 0.14
CA LEU A 240 23.17 -10.10 0.83
C LEU A 240 22.59 -8.71 0.57
N SER A 241 22.20 -8.41 -0.67
CA SER A 241 21.62 -7.09 -0.95
C SER A 241 20.28 -6.91 -0.23
N LEU A 242 19.44 -7.95 -0.23
CA LEU A 242 18.17 -7.86 0.48
C LEU A 242 18.38 -7.68 1.97
N SER A 243 19.34 -8.40 2.55
CA SER A 243 19.62 -8.27 3.97
C SER A 243 20.13 -6.87 4.28
N ALA A 244 20.99 -6.31 3.42
CA ALA A 244 21.49 -4.96 3.63
C ALA A 244 20.35 -3.95 3.60
N ALA A 245 19.46 -4.06 2.61
CA ALA A 245 18.35 -3.12 2.50
C ALA A 245 17.42 -3.23 3.70
N ARG A 246 17.07 -4.46 4.09
CA ARG A 246 16.16 -4.66 5.21
C ARG A 246 16.80 -4.21 6.52
N GLY A 247 18.10 -4.45 6.69
CA GLY A 247 18.78 -3.97 7.87
C GLY A 247 18.82 -2.46 7.95
N MET A 248 19.09 -1.81 6.82
CA MET A 248 19.07 -0.34 6.81
C MET A 248 17.69 0.20 7.15
N ILE A 249 16.64 -0.39 6.58
CA ILE A 249 15.29 0.09 6.85
C ILE A 249 14.91 -0.17 8.30
N ALA A 250 15.26 -1.33 8.84
CA ALA A 250 14.97 -1.61 10.24
C ALA A 250 15.73 -0.69 11.17
N PHE A 251 17.00 -0.38 10.83
CA PHE A 251 17.77 0.55 11.64
C PHE A 251 17.16 1.93 11.62
N LEU A 252 16.71 2.39 10.46
CA LEU A 252 16.09 3.71 10.38
C LEU A 252 14.76 3.75 11.14
N GLY A 253 13.93 2.73 10.96
CA GLY A 253 12.64 2.73 11.63
C GLY A 253 12.74 2.57 13.13
N TYR A 254 13.66 1.72 13.59
CA TYR A 254 13.80 1.49 15.02
C TYR A 254 14.21 2.75 15.75
N HIS A 255 14.99 3.60 15.11
CA HIS A 255 15.40 4.88 15.68
C HIS A 255 14.39 5.99 15.43
N GLU A 256 13.15 5.64 15.10
CA GLU A 256 12.08 6.60 14.86
C GLU A 256 12.50 7.67 13.86
N ILE A 257 13.18 7.25 12.79
CA ILE A 257 13.58 8.17 11.74
C ILE A 257 12.54 8.14 10.63
N ILE A 258 12.03 6.95 10.33
CA ILE A 258 11.03 6.77 9.29
C ILE A 258 9.88 5.94 9.84
N GLY A 259 8.72 6.09 9.21
CA GLY A 259 7.57 5.28 9.57
C GLY A 259 7.36 4.13 8.61
N LEU A 260 6.94 3.00 9.16
CA LEU A 260 6.75 1.78 8.37
C LEU A 260 5.29 1.36 8.44
N SER A 261 4.68 1.16 7.28
CA SER A 261 3.34 0.62 7.18
C SER A 261 3.38 -0.88 6.90
N VAL A 262 2.20 -1.50 6.94
CA VAL A 262 2.11 -2.93 6.67
C VAL A 262 2.46 -3.24 5.22
N PHE A 263 2.11 -2.37 4.28
CA PHE A 263 2.44 -2.60 2.88
C PHE A 263 3.92 -2.34 2.60
N ALA A 264 4.53 -1.43 3.36
CA ALA A 264 5.91 -1.05 3.11
C ALA A 264 6.85 -2.23 3.24
N THR A 265 6.70 -3.05 4.27
CA THR A 265 7.57 -4.21 4.44
C THR A 265 7.47 -5.21 3.30
N ASN A 266 6.25 -5.56 2.88
CA ASN A 266 6.07 -6.55 1.82
C ASN A 266 6.59 -6.03 0.49
N LEU A 267 6.21 -4.81 0.11
CA LEU A 267 6.73 -4.26 -1.13
C LEU A 267 8.24 -4.10 -1.09
N LEU A 268 8.79 -3.69 0.05
CA LEU A 268 10.24 -3.54 0.15
C LEU A 268 10.95 -4.87 -0.05
N THR A 269 10.46 -5.91 0.62
CA THR A 269 11.10 -7.22 0.47
C THR A 269 11.04 -7.70 -0.97
N THR A 270 9.84 -7.70 -1.56
CA THR A 270 9.70 -8.20 -2.92
C THR A 270 10.48 -7.38 -3.93
N LEU A 271 10.41 -6.04 -3.82
CA LEU A 271 11.12 -5.18 -4.75
C LEU A 271 12.62 -5.34 -4.60
N ALA A 272 13.11 -5.44 -3.37
CA ALA A 272 14.54 -5.64 -3.17
C ALA A 272 15.02 -6.93 -3.81
N ILE A 273 14.28 -8.02 -3.58
CA ILE A 273 14.69 -9.30 -4.14
C ILE A 273 14.67 -9.23 -5.68
N ALA A 274 13.58 -8.72 -6.24
CA ALA A 274 13.44 -8.68 -7.69
C ALA A 274 14.48 -7.78 -8.33
N ALA A 275 14.72 -6.59 -7.77
CA ALA A 275 15.67 -5.66 -8.34
C ALA A 275 17.09 -6.19 -8.22
N ALA A 276 17.43 -6.82 -7.10
CA ALA A 276 18.75 -7.41 -6.95
C ALA A 276 18.96 -8.51 -7.98
N THR A 277 17.94 -9.36 -8.18
CA THR A 277 18.07 -10.41 -9.18
C THR A 277 18.22 -9.82 -10.58
N ASP A 278 17.48 -8.74 -10.88
CA ASP A 278 17.57 -8.12 -12.18
C ASP A 278 18.95 -7.52 -12.42
N TYR A 279 19.52 -6.84 -11.42
CA TYR A 279 20.85 -6.27 -11.57
C TYR A 279 21.90 -7.37 -11.73
N ALA A 280 21.78 -8.45 -10.95
CA ALA A 280 22.70 -9.57 -11.12
C ALA A 280 22.58 -10.18 -12.50
N ILE A 281 21.35 -10.31 -13.01
CA ILE A 281 21.14 -10.86 -14.35
C ILE A 281 21.78 -9.95 -15.40
N PHE A 282 21.60 -8.65 -15.27
CA PHE A 282 22.21 -7.71 -16.21
C PHE A 282 23.73 -7.86 -16.22
N LEU A 283 24.34 -7.84 -15.03
CA LEU A 283 25.80 -7.89 -14.94
C LEU A 283 26.33 -9.21 -15.48
N ILE A 284 25.73 -10.33 -15.07
CA ILE A 284 26.21 -11.64 -15.51
C ILE A 284 25.98 -11.82 -17.00
N GLY A 285 24.85 -11.34 -17.51
CA GLY A 285 24.61 -11.45 -18.94
C GLY A 285 25.62 -10.67 -19.77
N ARG A 286 25.94 -9.45 -19.35
CA ARG A 286 26.95 -8.69 -20.07
C ARG A 286 28.31 -9.36 -19.97
N TYR A 287 28.68 -9.88 -18.79
CA TYR A 287 29.96 -10.54 -18.64
C TYR A 287 30.05 -11.78 -19.52
N GLN A 288 28.98 -12.59 -19.55
CA GLN A 288 29.00 -13.81 -20.34
C GLN A 288 28.96 -13.52 -21.83
N GLU A 289 28.27 -12.44 -22.23
CA GLU A 289 28.33 -12.02 -23.63
C GLU A 289 29.73 -11.61 -24.03
N ALA A 290 30.41 -10.86 -23.15
CA ALA A 290 31.80 -10.49 -23.43
C ALA A 290 32.69 -11.72 -23.51
N ARG A 291 32.46 -12.71 -22.64
CA ARG A 291 33.22 -13.94 -22.69
C ARG A 291 32.99 -14.71 -23.99
N SER A 292 31.73 -14.74 -24.45
CA SER A 292 31.40 -15.52 -25.63
C SER A 292 32.06 -14.96 -26.89
N VAL A 293 32.24 -13.65 -26.97
CA VAL A 293 32.93 -13.05 -28.11
C VAL A 293 34.37 -13.53 -28.17
N GLY A 294 34.97 -13.84 -27.03
CA GLY A 294 36.32 -14.34 -27.02
C GLY A 294 37.29 -13.43 -26.29
N GLU A 295 36.79 -12.72 -25.28
CA GLU A 295 37.60 -11.84 -24.46
C GLU A 295 37.95 -12.53 -23.15
N ASP A 296 39.16 -12.30 -22.67
CA ASP A 296 39.59 -12.89 -21.41
C ASP A 296 38.79 -12.32 -20.25
N ARG A 297 39.00 -12.90 -19.06
CA ARG A 297 38.16 -12.58 -17.92
C ARG A 297 38.28 -11.12 -17.52
N GLU A 298 39.50 -10.58 -17.53
CA GLU A 298 39.69 -9.19 -17.12
C GLU A 298 38.99 -8.23 -18.07
N GLN A 299 39.21 -8.39 -19.38
CA GLN A 299 38.56 -7.52 -20.35
C GLN A 299 37.05 -7.74 -20.35
N SER A 300 36.62 -8.98 -20.12
CA SER A 300 35.18 -9.24 -20.05
C SER A 300 34.55 -8.50 -18.88
N TYR A 301 35.20 -8.53 -17.71
CA TYR A 301 34.69 -7.81 -16.55
C TYR A 301 34.67 -6.31 -16.81
N TYR A 302 35.75 -5.79 -17.42
CA TYR A 302 35.81 -4.36 -17.69
C TYR A 302 34.73 -3.93 -18.67
N THR A 303 34.50 -4.73 -19.72
CA THR A 303 33.43 -4.44 -20.66
C THR A 303 32.08 -4.48 -19.99
N MET A 304 31.85 -5.50 -19.14
CA MET A 304 30.60 -5.59 -18.40
C MET A 304 30.36 -4.34 -17.57
N PHE A 305 31.39 -3.91 -16.83
CA PHE A 305 31.23 -2.73 -15.99
C PHE A 305 30.97 -1.49 -16.83
N HIS A 306 31.83 -1.22 -17.81
CA HIS A 306 31.69 -0.01 -18.60
C HIS A 306 30.41 0.02 -19.43
N SER A 307 29.78 -1.13 -19.66
CA SER A 307 28.54 -1.15 -20.42
C SER A 307 27.29 -1.23 -19.56
N THR A 308 27.39 -1.70 -18.32
CA THR A 308 26.20 -1.97 -17.54
C THR A 308 26.15 -1.26 -16.19
N ALA A 309 27.27 -0.74 -15.68
CA ALA A 309 27.25 -0.13 -14.36
C ALA A 309 26.38 1.13 -14.34
N HIS A 310 26.54 2.00 -15.32
CA HIS A 310 25.71 3.20 -15.37
C HIS A 310 24.25 2.85 -15.63
N VAL A 311 24.00 1.82 -16.44
CA VAL A 311 22.63 1.39 -16.68
C VAL A 311 21.98 0.91 -15.39
N VAL A 312 22.70 0.09 -14.60
CA VAL A 312 22.17 -0.42 -13.35
C VAL A 312 21.96 0.71 -12.35
N LEU A 313 22.92 1.64 -12.27
CA LEU A 313 22.79 2.76 -11.36
C LEU A 313 21.58 3.62 -11.70
N GLY A 314 21.40 3.92 -12.99
CA GLY A 314 20.22 4.68 -13.39
C GLY A 314 18.93 3.90 -13.20
N SER A 315 18.97 2.59 -13.44
CA SER A 315 17.79 1.76 -13.24
C SER A 315 17.35 1.77 -11.80
N GLY A 316 18.30 1.74 -10.87
CA GLY A 316 17.94 1.82 -9.47
C GLY A 316 17.55 3.21 -9.03
N MET A 317 18.19 4.24 -9.60
CA MET A 317 17.82 5.60 -9.26
C MET A 317 16.40 5.91 -9.72
N THR A 318 15.99 5.35 -10.85
CA THR A 318 14.61 5.55 -11.30
C THR A 318 13.62 4.97 -10.29
N ILE A 319 13.87 3.75 -9.83
CA ILE A 319 12.96 3.13 -8.85
C ILE A 319 12.96 3.94 -7.55
N ALA A 320 14.15 4.33 -7.10
CA ALA A 320 14.25 5.08 -5.85
C ALA A 320 13.50 6.41 -5.94
N GLY A 321 13.71 7.16 -7.02
CA GLY A 321 13.03 8.43 -7.17
C GLY A 321 11.53 8.28 -7.36
N ALA A 322 11.11 7.27 -8.13
CA ALA A 322 9.69 7.04 -8.33
C ALA A 322 9.00 6.72 -7.02
N THR A 323 9.61 5.86 -6.20
CA THR A 323 9.04 5.57 -4.89
C THR A 323 9.08 6.79 -3.98
N LEU A 324 10.14 7.59 -4.10
CA LEU A 324 10.24 8.80 -3.29
C LEU A 324 9.13 9.80 -3.62
N CYS A 325 8.69 9.82 -4.89
CA CYS A 325 7.63 10.73 -5.28
C CYS A 325 6.32 10.46 -4.55
N LEU A 326 6.14 9.27 -3.98
CA LEU A 326 4.95 8.98 -3.20
C LEU A 326 4.93 9.75 -1.88
N HIS A 327 6.10 10.21 -1.41
CA HIS A 327 6.17 10.91 -0.13
C HIS A 327 5.45 12.26 -0.17
N PHE A 328 5.17 12.79 -1.36
CA PHE A 328 4.61 14.13 -1.51
C PHE A 328 3.09 14.14 -1.44
N THR A 329 2.45 13.00 -1.23
CA THR A 329 1.01 12.95 -1.03
C THR A 329 0.66 13.36 0.40
N ARG A 330 -0.64 13.33 0.71
CA ARG A 330 -1.09 13.57 2.08
C ARG A 330 -1.50 12.31 2.81
N MET A 331 -1.60 11.17 2.14
CA MET A 331 -2.02 9.93 2.79
C MET A 331 -0.86 9.35 3.59
N PRO A 332 -1.04 9.10 4.89
CA PRO A 332 0.09 8.62 5.71
C PRO A 332 0.67 7.30 5.25
N TYR A 333 -0.15 6.39 4.71
CA TYR A 333 0.40 5.15 4.18
C TYR A 333 1.37 5.41 3.04
N PHE A 334 1.07 6.37 2.18
CA PHE A 334 1.95 6.60 1.04
C PHE A 334 3.26 7.27 1.45
N GLN A 335 3.24 8.14 2.46
CA GLN A 335 4.51 8.64 3.01
C GLN A 335 5.30 7.52 3.68
N SER A 336 4.62 6.64 4.43
CA SER A 336 5.33 5.53 5.03
C SER A 336 5.86 4.56 3.98
N LEU A 337 5.27 4.58 2.79
CA LEU A 337 5.75 3.75 1.68
C LEU A 337 6.91 4.41 0.95
N GLY A 338 6.90 5.73 0.85
CA GLY A 338 7.84 6.46 0.02
C GLY A 338 9.29 6.43 0.45
N ILE A 339 9.61 7.06 1.58
CA ILE A 339 11.00 7.16 2.02
C ILE A 339 11.61 5.78 2.28
N PRO A 340 10.98 4.87 3.02
CA PRO A 340 11.60 3.54 3.21
C PRO A 340 11.87 2.81 1.91
N LEU A 341 10.95 2.88 0.95
CA LEU A 341 11.19 2.22 -0.33
C LEU A 341 12.38 2.83 -1.05
N ALA A 342 12.49 4.16 -1.05
CA ALA A 342 13.61 4.81 -1.72
C ALA A 342 14.93 4.42 -1.07
N ILE A 343 14.99 4.43 0.26
CA ILE A 343 16.22 4.06 0.94
C ILE A 343 16.57 2.60 0.68
N GLY A 344 15.58 1.71 0.73
CA GLY A 344 15.84 0.31 0.47
C GLY A 344 16.34 0.06 -0.94
N MET A 345 15.73 0.72 -1.93
CA MET A 345 16.17 0.55 -3.30
C MET A 345 17.57 1.11 -3.50
N SER A 346 17.88 2.25 -2.87
CA SER A 346 19.23 2.79 -3.00
C SER A 346 20.26 1.84 -2.40
N VAL A 347 19.96 1.27 -1.23
CA VAL A 347 20.88 0.31 -0.63
C VAL A 347 21.03 -0.91 -1.52
N VAL A 348 19.92 -1.35 -2.13
CA VAL A 348 19.98 -2.48 -3.06
C VAL A 348 20.87 -2.14 -4.25
N VAL A 349 20.82 -0.90 -4.72
CA VAL A 349 21.60 -0.52 -5.90
C VAL A 349 23.08 -0.50 -5.58
N LEU A 350 23.46 0.07 -4.43
CA LEU A 350 24.87 0.02 -4.05
C LEU A 350 25.34 -1.40 -3.81
N ALA A 351 24.55 -2.20 -3.07
CA ALA A 351 24.93 -3.58 -2.81
C ALA A 351 24.82 -4.45 -4.04
N SER A 352 24.24 -3.94 -5.12
CA SER A 352 24.30 -4.62 -6.40
C SER A 352 25.53 -4.23 -7.19
N LEU A 353 25.70 -2.94 -7.49
CA LEU A 353 26.88 -2.51 -8.23
C LEU A 353 28.16 -2.98 -7.56
N THR A 354 28.44 -2.47 -6.35
CA THR A 354 29.73 -2.75 -5.73
C THR A 354 29.90 -4.23 -5.45
N MET A 355 28.93 -4.84 -4.77
CA MET A 355 29.07 -6.24 -4.39
C MET A 355 29.09 -7.18 -5.58
N GLY A 356 28.19 -7.01 -6.55
CA GLY A 356 28.18 -7.88 -7.70
C GLY A 356 29.43 -7.74 -8.55
N ALA A 357 29.91 -6.50 -8.73
CA ALA A 357 31.16 -6.32 -9.46
C ALA A 357 32.31 -7.01 -8.74
N ALA A 358 32.39 -6.84 -7.42
CA ALA A 358 33.47 -7.48 -6.67
C ALA A 358 33.37 -9.00 -6.73
N ILE A 359 32.16 -9.54 -6.61
CA ILE A 359 31.97 -10.98 -6.60
C ILE A 359 32.28 -11.57 -7.97
N ILE A 360 31.85 -10.90 -9.03
CA ILE A 360 32.17 -11.37 -10.38
C ILE A 360 33.68 -11.34 -10.60
N SER A 361 34.34 -10.25 -10.17
CA SER A 361 35.79 -10.15 -10.33
C SER A 361 36.50 -11.27 -9.58
N VAL A 362 36.07 -11.56 -8.35
CA VAL A 362 36.73 -12.59 -7.55
C VAL A 362 36.47 -13.97 -8.15
N ALA A 363 35.21 -14.25 -8.49
CA ALA A 363 34.83 -15.60 -8.90
C ALA A 363 35.29 -15.93 -10.31
N SER A 364 35.49 -14.94 -11.17
CA SER A 364 35.90 -15.23 -12.54
C SER A 364 37.27 -15.90 -12.56
N ARG A 365 38.18 -15.47 -11.69
CA ARG A 365 39.53 -16.00 -11.65
C ARG A 365 39.65 -17.26 -10.80
N PHE A 366 38.54 -17.97 -10.59
CA PHE A 366 38.51 -19.24 -9.85
C PHE A 366 37.99 -20.35 -10.75
N GLY A 367 38.47 -20.40 -11.98
CA GLY A 367 38.08 -21.44 -12.91
C GLY A 367 36.91 -21.04 -13.78
N LYS A 368 36.13 -22.05 -14.17
CA LYS A 368 34.97 -21.85 -15.02
C LYS A 368 33.73 -21.57 -14.17
N THR A 369 33.80 -20.47 -13.43
CA THR A 369 32.74 -20.14 -12.48
C THR A 369 31.57 -19.42 -13.16
N PHE A 370 31.82 -18.24 -13.73
CA PHE A 370 30.80 -17.47 -14.42
C PHE A 370 30.85 -17.68 -15.93
N GLU A 371 31.61 -18.65 -16.40
CA GLU A 371 31.72 -18.92 -17.82
C GLU A 371 30.35 -19.32 -18.38
N PRO A 372 29.96 -18.84 -19.56
CA PRO A 372 28.68 -19.27 -20.14
C PRO A 372 28.66 -20.78 -20.35
N LYS A 373 27.48 -21.37 -20.13
CA LYS A 373 27.33 -22.81 -20.09
C LYS A 373 26.68 -23.40 -21.33
N ARG A 374 25.69 -22.73 -21.92
CA ARG A 374 24.91 -23.33 -22.99
C ARG A 374 25.13 -22.69 -24.35
N ALA A 375 24.83 -21.40 -24.50
CA ALA A 375 24.79 -20.74 -25.80
C ALA A 375 24.37 -19.29 -25.63
N MET A 376 24.37 -18.53 -26.72
CA MET A 376 23.74 -17.21 -26.73
C MET A 376 22.68 -17.19 -27.82
N ARG A 377 21.58 -16.49 -27.55
CA ARG A 377 20.35 -16.57 -28.35
C ARG A 377 20.24 -15.44 -29.37
N THR A 378 21.37 -15.06 -29.99
CA THR A 378 21.37 -13.93 -30.90
C THR A 378 20.45 -14.16 -32.11
N ARG A 379 20.50 -15.36 -32.69
CA ARG A 379 19.93 -15.56 -34.03
C ARG A 379 18.44 -15.24 -34.07
N GLY A 380 17.68 -15.75 -33.09
CA GLY A 380 16.26 -15.44 -33.07
C GLY A 380 15.99 -13.97 -32.85
N TRP A 381 16.70 -13.35 -31.91
CA TRP A 381 16.51 -11.93 -31.66
C TRP A 381 17.06 -11.08 -32.79
N ARG A 382 18.11 -11.53 -33.47
CA ARG A 382 18.57 -10.82 -34.66
C ARG A 382 17.53 -10.88 -35.78
N LYS A 383 16.86 -12.02 -35.95
CA LYS A 383 15.77 -12.09 -36.92
C LYS A 383 14.61 -11.18 -36.53
N LEU A 384 14.28 -11.11 -35.23
CA LEU A 384 13.25 -10.19 -34.78
C LEU A 384 13.65 -8.74 -35.05
N GLY A 385 14.93 -8.41 -34.83
CA GLY A 385 15.38 -7.06 -35.12
C GLY A 385 15.33 -6.73 -36.60
N ALA A 386 15.67 -7.70 -37.45
CA ALA A 386 15.54 -7.49 -38.89
C ALA A 386 14.09 -7.26 -39.27
N ALA A 387 13.17 -8.01 -38.68
CA ALA A 387 11.76 -7.80 -38.95
C ALA A 387 11.32 -6.41 -38.48
N VAL A 388 11.79 -5.98 -37.30
CA VAL A 388 11.40 -4.68 -36.77
C VAL A 388 11.90 -3.56 -37.67
N VAL A 389 13.16 -3.64 -38.10
CA VAL A 389 13.69 -2.58 -38.96
C VAL A 389 13.15 -2.65 -40.38
N ARG A 390 12.64 -3.81 -40.81
CA ARG A 390 12.06 -3.90 -42.14
C ARG A 390 10.69 -3.25 -42.21
N TRP A 391 9.85 -3.46 -41.20
CA TRP A 391 8.51 -2.90 -41.13
C TRP A 391 8.33 -2.18 -39.80
N PRO A 392 8.99 -1.04 -39.62
CA PRO A 392 8.82 -0.31 -38.36
C PRO A 392 7.45 0.35 -38.24
N ALA A 393 6.80 0.65 -39.36
CA ALA A 393 5.49 1.31 -39.34
C ALA A 393 4.36 0.30 -39.10
N PRO A 394 4.31 -0.84 -39.79
CA PRO A 394 3.28 -1.83 -39.43
C PRO A 394 3.39 -2.30 -38.00
N ILE A 395 4.61 -2.47 -37.50
CA ILE A 395 4.84 -2.72 -36.08
C ILE A 395 4.75 -1.36 -35.38
N LEU A 396 4.70 -1.38 -34.05
CA LEU A 396 4.43 -0.24 -33.17
C LEU A 396 2.96 0.16 -33.26
N VAL A 397 2.29 -0.24 -34.33
CA VAL A 397 0.85 -0.02 -34.42
C VAL A 397 0.13 -1.16 -33.74
N THR A 398 0.57 -2.39 -33.99
CA THR A 398 0.06 -3.53 -33.23
C THR A 398 0.33 -3.36 -31.74
N THR A 399 1.50 -2.84 -31.39
CA THR A 399 1.82 -2.62 -29.97
C THR A 399 0.99 -1.51 -29.35
N ILE A 400 0.77 -0.39 -30.05
CA ILE A 400 -0.11 0.63 -29.51
C ILE A 400 -1.52 0.09 -29.34
N ALA A 401 -2.01 -0.69 -30.33
CA ALA A 401 -3.31 -1.30 -30.21
C ALA A 401 -3.41 -2.26 -29.03
N LEU A 402 -2.41 -3.11 -28.82
CA LEU A 402 -2.41 -4.03 -27.70
C LEU A 402 -2.28 -3.31 -26.36
N SER A 403 -1.66 -2.13 -26.35
CA SER A 403 -1.51 -1.39 -25.10
C SER A 403 -2.74 -0.55 -24.78
N VAL A 404 -3.51 -0.16 -25.79
CA VAL A 404 -4.69 0.67 -25.54
C VAL A 404 -5.98 -0.13 -25.38
N VAL A 405 -6.01 -1.40 -25.80
CA VAL A 405 -7.21 -2.20 -25.61
C VAL A 405 -7.51 -2.40 -24.13
N GLY A 406 -6.50 -2.27 -23.26
CA GLY A 406 -6.75 -2.31 -21.84
C GLY A 406 -7.63 -1.19 -21.33
N LEU A 407 -7.75 -0.11 -22.09
CA LEU A 407 -8.65 0.98 -21.73
C LEU A 407 -10.12 0.59 -21.85
N LEU A 408 -10.42 -0.57 -22.45
CA LEU A 408 -11.79 -1.06 -22.49
C LEU A 408 -12.34 -1.34 -21.10
N ALA A 409 -11.48 -1.42 -20.09
CA ALA A 409 -11.93 -1.66 -18.73
C ALA A 409 -12.44 -0.41 -18.03
N LEU A 410 -12.22 0.77 -18.60
CA LEU A 410 -12.76 1.99 -17.99
C LEU A 410 -14.28 1.97 -17.90
N PRO A 411 -15.05 1.61 -18.94
CA PRO A 411 -16.50 1.53 -18.77
C PRO A 411 -16.90 0.35 -17.92
N GLY A 412 -16.70 0.44 -16.61
CA GLY A 412 -17.04 -0.64 -15.71
C GLY A 412 -16.02 -0.88 -14.62
N TYR A 413 -14.94 -0.09 -14.62
CA TYR A 413 -13.92 -0.22 -13.58
C TYR A 413 -14.48 0.27 -12.25
N GLN A 414 -14.61 -0.64 -11.29
CA GLN A 414 -15.18 -0.34 -9.98
C GLN A 414 -14.10 -0.52 -8.92
N THR A 415 -13.96 0.47 -8.05
CA THR A 415 -13.03 0.40 -6.94
C THR A 415 -13.79 0.22 -5.62
N ASN A 416 -13.15 -0.42 -4.65
CA ASN A 416 -13.75 -0.70 -3.37
C ASN A 416 -12.90 -0.09 -2.26
N TYR A 417 -13.54 0.65 -1.37
CA TYR A 417 -12.87 1.32 -0.27
C TYR A 417 -12.92 0.57 1.05
N ASN A 418 -13.61 -0.57 1.09
CA ASN A 418 -13.79 -1.33 2.31
C ASN A 418 -12.69 -2.38 2.41
N ASP A 419 -11.93 -2.34 3.49
CA ASP A 419 -10.85 -3.31 3.71
C ASP A 419 -11.35 -4.63 4.26
N ARG A 420 -12.65 -4.74 4.55
CA ARG A 420 -13.18 -5.97 5.13
C ARG A 420 -13.02 -7.15 4.18
N ARG A 421 -13.30 -6.96 2.90
CA ARG A 421 -13.24 -8.04 1.94
C ARG A 421 -11.82 -8.38 1.50
N TYR A 422 -10.83 -7.56 1.85
CA TYR A 422 -9.45 -7.78 1.47
C TYR A 422 -8.64 -8.46 2.55
N LEU A 423 -9.30 -9.06 3.53
CA LEU A 423 -8.66 -9.80 4.60
C LEU A 423 -9.30 -11.17 4.73
N PRO A 424 -8.57 -12.16 5.23
CA PRO A 424 -9.16 -13.49 5.40
C PRO A 424 -10.35 -13.43 6.36
N GLN A 425 -11.37 -14.22 6.06
CA GLN A 425 -12.61 -14.16 6.83
C GLN A 425 -12.47 -14.80 8.20
N ASP A 426 -11.37 -15.49 8.49
CA ASP A 426 -11.17 -16.13 9.77
C ASP A 426 -10.51 -15.21 10.80
N LEU A 427 -10.21 -13.97 10.44
CA LEU A 427 -9.64 -13.04 11.40
C LEU A 427 -10.71 -12.62 12.42
N PRO A 428 -10.29 -12.26 13.64
CA PRO A 428 -11.28 -11.85 14.65
C PRO A 428 -12.15 -10.68 14.21
N ALA A 429 -11.59 -9.69 13.51
CA ALA A 429 -12.40 -8.56 13.07
C ALA A 429 -13.42 -8.98 12.01
N ASN A 430 -13.00 -9.79 11.05
CA ASN A 430 -13.92 -10.28 10.03
C ASN A 430 -15.00 -11.16 10.65
N THR A 431 -14.62 -12.01 11.61
CA THR A 431 -15.60 -12.83 12.30
C THR A 431 -16.60 -11.97 13.06
N GLY A 432 -16.12 -10.93 13.73
CA GLY A 432 -17.02 -10.04 14.43
C GLY A 432 -17.96 -9.29 13.50
N TYR A 433 -17.44 -8.84 12.36
CA TYR A 433 -18.29 -8.18 11.38
C TYR A 433 -19.34 -9.14 10.84
N ALA A 434 -18.95 -10.39 10.58
CA ALA A 434 -19.91 -11.37 10.10
C ALA A 434 -20.98 -11.65 11.15
N ALA A 435 -20.58 -11.76 12.41
CA ALA A 435 -21.56 -12.01 13.47
C ALA A 435 -22.52 -10.83 13.62
N ALA A 436 -22.00 -9.60 13.54
CA ALA A 436 -22.86 -8.43 13.64
C ALA A 436 -23.82 -8.36 12.46
N ASP A 437 -23.35 -8.71 11.27
CA ASP A 437 -24.20 -8.65 10.08
C ASP A 437 -25.34 -9.65 10.12
N ARG A 438 -25.22 -10.72 10.91
CA ARG A 438 -26.31 -11.68 11.01
C ARG A 438 -27.55 -11.06 11.66
N HIS A 439 -27.37 -10.24 12.68
CA HIS A 439 -28.48 -9.69 13.44
C HIS A 439 -28.69 -8.20 13.25
N PHE A 440 -27.65 -7.40 13.08
CA PHE A 440 -27.79 -5.97 12.89
C PHE A 440 -27.77 -5.64 11.40
N SER A 441 -28.26 -4.45 11.09
CA SER A 441 -28.22 -3.96 9.71
C SER A 441 -26.77 -3.72 9.29
N GLN A 442 -26.59 -3.47 8.00
CA GLN A 442 -25.26 -3.23 7.47
C GLN A 442 -24.65 -1.98 8.09
N ALA A 443 -23.37 -2.09 8.48
CA ALA A 443 -22.58 -0.95 8.97
C ALA A 443 -23.18 -0.32 10.22
N ARG A 444 -23.70 -1.15 11.12
CA ARG A 444 -24.06 -0.68 12.46
C ARG A 444 -22.87 -0.65 13.40
N MET A 445 -21.77 -1.31 13.05
CA MET A 445 -20.53 -1.26 13.81
C MET A 445 -19.65 -0.09 13.39
N ASN A 446 -20.10 0.74 12.46
CA ASN A 446 -19.36 1.91 12.00
C ASN A 446 -20.26 3.13 12.09
N PRO A 447 -20.53 3.61 13.29
CA PRO A 447 -21.41 4.77 13.44
C PRO A 447 -20.64 6.08 13.31
N GLU A 448 -21.37 7.12 12.96
CA GLU A 448 -20.84 8.47 12.92
C GLU A 448 -21.16 9.19 14.21
N LEU A 449 -20.26 10.07 14.63
CA LEU A 449 -20.41 10.82 15.87
C LEU A 449 -20.53 12.30 15.53
N LEU A 450 -21.68 12.88 15.85
CA LEU A 450 -21.94 14.30 15.58
C LEU A 450 -21.98 15.04 16.89
N MET A 451 -21.13 16.05 17.04
CA MET A 451 -21.09 16.89 18.24
C MET A 451 -21.29 18.34 17.84
N ILE A 452 -22.16 19.04 18.58
CA ILE A 452 -22.42 20.45 18.36
C ILE A 452 -22.04 21.17 19.65
N GLU A 453 -20.88 21.82 19.64
CA GLU A 453 -20.35 22.47 20.84
C GLU A 453 -20.84 23.92 20.88
N SER A 454 -21.64 24.24 21.89
CA SER A 454 -22.22 25.56 22.05
C SER A 454 -21.38 26.39 23.01
N ASP A 455 -21.87 27.57 23.35
CA ASP A 455 -21.19 28.48 24.26
C ASP A 455 -21.95 28.69 25.56
N HIS A 456 -23.02 27.92 25.80
CA HIS A 456 -23.80 28.05 27.02
C HIS A 456 -24.28 26.68 27.42
N ASP A 457 -24.74 26.57 28.68
CA ASP A 457 -25.29 25.31 29.15
C ASP A 457 -26.56 24.97 28.39
N LEU A 458 -26.62 23.75 27.86
CA LEU A 458 -27.73 23.30 27.05
C LEU A 458 -28.77 22.50 27.83
N ARG A 459 -28.58 22.30 29.12
CA ARG A 459 -29.49 21.49 29.91
C ARG A 459 -30.68 22.30 30.43
N ASN A 460 -31.38 22.96 29.51
CA ASN A 460 -32.61 23.67 29.81
C ASN A 460 -33.66 23.26 28.80
N SER A 461 -34.92 23.59 29.11
CA SER A 461 -36.04 23.12 28.29
C SER A 461 -35.96 23.66 26.88
N ALA A 462 -35.59 24.93 26.72
CA ALA A 462 -35.61 25.55 25.40
C ALA A 462 -34.65 24.86 24.43
N ASP A 463 -33.45 24.51 24.90
CA ASP A 463 -32.44 23.97 24.01
C ASP A 463 -32.69 22.53 23.61
N PHE A 464 -33.47 21.77 24.38
CA PHE A 464 -33.79 20.42 23.94
C PHE A 464 -34.76 20.40 22.77
N LEU A 465 -35.59 21.44 22.59
CA LEU A 465 -36.34 21.54 21.34
C LEU A 465 -35.39 21.63 20.15
N VAL A 466 -34.33 22.44 20.26
CA VAL A 466 -33.34 22.54 19.20
C VAL A 466 -32.61 21.21 19.01
N VAL A 467 -32.27 20.54 20.12
CA VAL A 467 -31.54 19.28 20.02
C VAL A 467 -32.40 18.23 19.32
N ASP A 468 -33.67 18.13 19.69
CA ASP A 468 -34.57 17.21 19.02
C ASP A 468 -34.77 17.60 17.56
N ARG A 469 -34.79 18.90 17.26
CA ARG A 469 -34.88 19.32 15.86
C ARG A 469 -33.67 18.83 15.06
N ILE A 470 -32.47 18.95 15.65
CA ILE A 470 -31.27 18.46 15.00
C ILE A 470 -31.35 16.96 14.78
N ALA A 471 -31.78 16.22 15.81
CA ALA A 471 -31.87 14.77 15.68
C ALA A 471 -32.85 14.37 14.60
N LYS A 472 -34.02 15.00 14.57
CA LYS A 472 -35.04 14.70 13.57
C LYS A 472 -34.59 15.08 12.16
N ARG A 473 -33.91 16.21 12.00
CA ARG A 473 -33.46 16.62 10.67
C ARG A 473 -32.30 15.78 10.16
N VAL A 474 -31.39 15.36 11.03
CA VAL A 474 -30.33 14.45 10.61
C VAL A 474 -30.91 13.08 10.28
N PHE A 475 -31.88 12.60 11.06
CA PHE A 475 -32.50 11.32 10.75
C PHE A 475 -33.21 11.35 9.40
N GLN A 476 -33.88 12.47 9.09
CA GLN A 476 -34.61 12.59 7.84
C GLN A 476 -33.70 12.64 6.62
N VAL A 477 -32.40 12.84 6.80
CA VAL A 477 -31.48 12.89 5.66
C VAL A 477 -31.44 11.51 4.99
N PRO A 478 -31.58 11.42 3.67
CA PRO A 478 -31.49 10.13 3.01
C PRO A 478 -30.12 9.50 3.22
N GLY A 479 -30.11 8.17 3.33
CA GLY A 479 -28.89 7.44 3.62
C GLY A 479 -28.56 7.34 5.09
N ILE A 480 -29.41 7.84 5.98
CA ILE A 480 -29.22 7.74 7.42
C ILE A 480 -30.36 6.91 7.97
N SER A 481 -30.02 5.83 8.69
CA SER A 481 -31.02 4.88 9.18
C SER A 481 -31.26 4.97 10.67
N ARG A 482 -30.35 5.56 11.44
CA ARG A 482 -30.52 5.60 12.88
C ARG A 482 -29.81 6.83 13.43
N VAL A 483 -30.48 7.53 14.34
CA VAL A 483 -29.91 8.66 15.05
C VAL A 483 -30.23 8.47 16.53
N GLN A 484 -29.21 8.37 17.36
CA GLN A 484 -29.37 8.20 18.79
C GLN A 484 -28.98 9.51 19.48
N ALA A 485 -29.91 10.08 20.24
CA ALA A 485 -29.69 11.36 20.88
C ALA A 485 -30.27 11.32 22.29
N ILE A 486 -30.16 12.45 23.00
CA ILE A 486 -30.74 12.53 24.33
C ILE A 486 -32.27 12.46 24.26
N THR A 487 -32.87 13.03 23.22
CA THR A 487 -34.30 12.94 23.03
C THR A 487 -34.74 11.61 22.42
N ARG A 488 -33.81 10.84 21.86
CA ARG A 488 -34.08 9.52 21.30
C ARG A 488 -33.05 8.55 21.85
N PRO A 489 -33.11 8.24 23.15
CA PRO A 489 -32.03 7.44 23.76
C PRO A 489 -31.87 6.06 23.16
N GLN A 490 -32.93 5.47 22.64
CA GLN A 490 -32.87 4.14 22.06
C GLN A 490 -32.68 4.16 20.55
N GLY A 491 -32.49 5.34 19.96
CA GLY A 491 -32.30 5.45 18.53
C GLY A 491 -33.57 5.45 17.71
N THR A 492 -34.74 5.42 18.34
CA THR A 492 -36.01 5.41 17.63
C THR A 492 -36.90 6.52 18.17
N PRO A 493 -37.77 7.08 17.32
CA PRO A 493 -38.68 8.14 17.80
C PRO A 493 -39.56 7.63 18.93
N ILE A 494 -39.82 8.51 19.90
CA ILE A 494 -40.65 8.17 21.04
C ILE A 494 -42.12 8.36 20.70
N SER A 690 -42.93 20.32 17.12
CA SER A 690 -43.85 20.25 18.25
C SER A 690 -43.31 19.32 19.34
N PHE A 691 -42.55 19.89 20.28
CA PHE A 691 -41.98 19.11 21.37
C PHE A 691 -41.81 20.03 22.58
N TYR A 692 -41.94 19.46 23.76
CA TYR A 692 -41.81 20.24 25.00
C TYR A 692 -41.51 19.29 26.15
N LEU A 693 -40.36 19.47 26.78
CA LEU A 693 -40.00 18.70 27.96
C LEU A 693 -40.24 19.53 29.21
N PRO A 694 -41.11 19.12 30.12
CA PRO A 694 -41.33 19.90 31.33
C PRO A 694 -40.08 19.94 32.18
N PRO A 695 -39.89 21.01 32.95
CA PRO A 695 -38.66 21.13 33.75
C PRO A 695 -38.50 20.02 34.79
N GLU A 696 -39.58 19.38 35.21
CA GLU A 696 -39.49 18.32 36.21
C GLU A 696 -38.69 17.13 35.72
N THR A 697 -38.55 16.95 34.41
CA THR A 697 -37.76 15.85 33.89
C THR A 697 -36.27 16.03 34.19
N PHE A 698 -35.83 17.27 34.38
CA PHE A 698 -34.41 17.53 34.62
C PHE A 698 -33.94 16.97 35.95
N GLU A 699 -34.84 16.79 36.91
CA GLU A 699 -34.47 16.24 38.20
C GLU A 699 -34.60 14.72 38.26
N ASN A 700 -35.08 14.10 37.19
CA ASN A 700 -35.19 12.64 37.16
C ASN A 700 -33.81 12.02 37.07
N PRO A 701 -33.43 11.12 37.98
CA PRO A 701 -32.10 10.51 37.91
C PRO A 701 -31.84 9.77 36.61
N ASP A 702 -32.88 9.15 36.03
CA ASP A 702 -32.71 8.51 34.73
C ASP A 702 -32.35 9.54 33.67
N PHE A 703 -33.04 10.68 33.65
CA PHE A 703 -32.69 11.73 32.72
C PHE A 703 -31.34 12.35 33.04
N LYS A 704 -30.96 12.38 34.33
CA LYS A 704 -29.63 12.85 34.68
C LYS A 704 -28.55 11.96 34.09
N ARG A 705 -28.73 10.64 34.19
CA ARG A 705 -27.78 9.72 33.57
C ARG A 705 -27.80 9.87 32.05
N GLY A 706 -28.97 10.07 31.47
CA GLY A 706 -29.04 10.28 30.03
C GLY A 706 -28.27 11.51 29.57
N MET A 707 -28.45 12.63 30.28
CA MET A 707 -27.72 13.83 29.95
C MET A 707 -26.23 13.65 30.16
N LYS A 708 -25.83 12.96 31.22
CA LYS A 708 -24.41 12.68 31.44
C LYS A 708 -23.84 11.87 30.29
N MET A 709 -24.60 10.90 29.79
CA MET A 709 -24.13 10.01 28.74
C MET A 709 -24.20 10.65 27.36
N PHE A 710 -24.99 11.71 27.18
CA PHE A 710 -25.14 12.34 25.88
C PHE A 710 -24.71 13.80 25.81
N LEU A 711 -24.56 14.48 26.95
CA LEU A 711 -24.18 15.89 26.97
C LEU A 711 -22.84 16.05 27.67
N SER A 712 -22.19 17.18 27.41
CA SER A 712 -20.92 17.48 28.05
C SER A 712 -21.12 17.66 29.55
N PRO A 713 -20.09 17.36 30.35
CA PRO A 713 -20.22 17.57 31.80
C PRO A 713 -20.55 19.00 32.18
N ASP A 714 -20.07 19.99 31.44
CA ASP A 714 -20.45 21.37 31.66
C ASP A 714 -21.71 21.76 30.88
N GLY A 715 -22.25 20.85 30.08
CA GLY A 715 -23.49 21.11 29.37
C GLY A 715 -23.36 21.91 28.11
N HIS A 716 -22.14 22.20 27.66
CA HIS A 716 -21.93 23.07 26.50
C HIS A 716 -21.91 22.31 25.18
N ALA A 717 -21.94 20.99 25.19
CA ALA A 717 -21.87 20.21 23.96
C ALA A 717 -22.94 19.12 23.98
N VAL A 718 -23.45 18.80 22.79
CA VAL A 718 -24.44 17.75 22.62
C VAL A 718 -23.91 16.76 21.60
N ARG A 719 -24.20 15.48 21.83
CA ARG A 719 -23.65 14.39 21.04
C ARG A 719 -24.78 13.59 20.41
N PHE A 720 -24.59 13.20 19.14
CA PHE A 720 -25.52 12.35 18.41
C PHE A 720 -24.74 11.19 17.82
N ILE A 721 -25.31 10.00 17.88
CA ILE A 721 -24.73 8.82 17.24
C ILE A 721 -25.57 8.49 16.01
N ILE A 722 -24.92 8.43 14.85
CA ILE A 722 -25.59 8.30 13.57
C ILE A 722 -25.12 7.03 12.88
N SER A 723 -26.07 6.25 12.37
CA SER A 723 -25.79 5.02 11.65
C SER A 723 -26.22 5.17 10.20
N HIS A 724 -25.39 4.66 9.29
CA HIS A 724 -25.63 4.79 7.87
C HIS A 724 -26.60 3.74 7.37
N GLU A 725 -27.40 4.11 6.37
CA GLU A 725 -28.26 3.15 5.70
C GLU A 725 -27.44 2.11 4.96
N GLY A 726 -26.45 2.55 4.19
CA GLY A 726 -25.61 1.64 3.44
C GLY A 726 -24.21 1.54 4.01
N ASP A 727 -23.21 1.45 3.13
CA ASP A 727 -21.83 1.33 3.55
C ASP A 727 -21.19 2.71 3.53
N PRO A 728 -20.70 3.22 4.67
CA PRO A 728 -20.01 4.52 4.66
C PRO A 728 -18.71 4.51 3.88
N MET A 729 -18.24 3.32 3.47
CA MET A 729 -17.01 3.23 2.71
C MET A 729 -17.12 3.94 1.37
N SER A 730 -18.27 3.81 0.70
CA SER A 730 -18.45 4.34 -0.63
C SER A 730 -18.50 5.87 -0.61
N PRO A 731 -18.26 6.51 -1.75
CA PRO A 731 -18.39 7.98 -1.80
C PRO A 731 -19.79 8.48 -1.50
N GLU A 732 -20.81 7.63 -1.61
CA GLU A 732 -22.14 8.02 -1.15
C GLU A 732 -22.14 8.27 0.35
N GLY A 733 -21.44 7.43 1.10
CA GLY A 733 -21.22 7.73 2.51
C GLY A 733 -20.41 8.99 2.74
N ILE A 734 -19.56 9.36 1.78
CA ILE A 734 -18.83 10.61 1.89
C ILE A 734 -19.78 11.80 1.71
N LYS A 735 -20.72 11.69 0.77
CA LYS A 735 -21.74 12.71 0.62
C LYS A 735 -22.62 12.80 1.86
N HIS A 736 -22.82 11.65 2.54
CA HIS A 736 -23.60 11.66 3.78
C HIS A 736 -23.02 12.61 4.81
N ILE A 737 -21.69 12.74 4.86
CA ILE A 737 -21.07 13.62 5.85
C ILE A 737 -21.47 15.06 5.62
N ASP A 738 -21.36 15.52 4.36
CA ASP A 738 -21.77 16.88 4.03
C ASP A 738 -23.25 17.08 4.27
N ALA A 739 -24.06 16.07 3.93
CA ALA A 739 -25.50 16.18 4.15
C ALA A 739 -25.82 16.35 5.63
N ILE A 740 -25.17 15.55 6.49
CA ILE A 740 -25.41 15.63 7.92
C ILE A 740 -24.98 16.99 8.46
N LYS A 741 -23.80 17.47 8.03
CA LYS A 741 -23.32 18.75 8.51
C LYS A 741 -24.25 19.89 8.10
N GLN A 742 -24.71 19.88 6.84
CA GLN A 742 -25.63 20.91 6.37
C GLN A 742 -26.95 20.84 7.11
N ALA A 743 -27.47 19.64 7.34
CA ALA A 743 -28.73 19.48 8.06
C ALA A 743 -28.62 20.02 9.48
N ALA A 744 -27.51 19.71 10.16
CA ALA A 744 -27.32 20.24 11.52
C ALA A 744 -27.20 21.75 11.51
N LYS A 745 -26.46 22.31 10.54
CA LYS A 745 -26.30 23.75 10.47
C LYS A 745 -27.64 24.44 10.24
N GLU A 746 -28.47 23.87 9.36
CA GLU A 746 -29.79 24.47 9.12
C GLU A 746 -30.70 24.29 10.32
N ALA A 747 -30.54 23.19 11.05
CA ALA A 747 -31.36 22.97 12.25
C ALA A 747 -31.03 23.98 13.34
N ILE A 748 -29.75 24.32 13.49
CA ILE A 748 -29.35 25.24 14.54
C ILE A 748 -29.49 26.68 14.06
N LYS A 749 -30.08 26.86 12.88
CA LYS A 749 -30.24 28.19 12.31
C LYS A 749 -31.43 28.91 12.96
N GLY A 750 -31.23 30.19 13.27
CA GLY A 750 -32.28 31.02 13.82
C GLY A 750 -32.79 30.56 15.17
N THR A 751 -31.87 30.16 16.04
CA THR A 751 -32.19 29.70 17.38
C THR A 751 -31.11 30.22 18.32
N PRO A 752 -31.40 30.32 19.62
CA PRO A 752 -30.35 30.73 20.57
C PRO A 752 -29.31 29.64 20.78
N LEU A 753 -28.83 29.08 19.67
CA LEU A 753 -27.70 28.17 19.70
C LEU A 753 -26.78 28.38 18.51
N GLU A 754 -27.07 29.36 17.64
CA GLU A 754 -26.29 29.63 16.45
C GLU A 754 -24.86 30.01 16.83
N GLY A 755 -23.94 29.75 15.90
CA GLY A 755 -22.53 29.96 16.14
C GLY A 755 -21.82 28.79 16.78
N SER A 756 -22.55 27.73 17.11
CA SER A 756 -21.93 26.55 17.69
C SER A 756 -21.07 25.84 16.66
N LYS A 757 -20.01 25.19 17.14
CA LYS A 757 -19.05 24.52 16.28
C LYS A 757 -19.48 23.07 16.09
N ILE A 758 -19.70 22.68 14.84
CA ILE A 758 -20.18 21.34 14.51
C ILE A 758 -18.99 20.45 14.21
N TYR A 759 -18.85 19.37 14.97
CA TYR A 759 -17.81 18.37 14.75
C TYR A 759 -18.48 17.05 14.37
N LEU A 760 -18.02 16.48 13.26
CA LEU A 760 -18.54 15.20 12.79
C LEU A 760 -17.36 14.26 12.53
N GLY A 761 -17.37 13.12 13.18
CA GLY A 761 -16.28 12.17 13.05
C GLY A 761 -16.79 10.75 12.97
N GLY A 762 -15.97 9.89 12.39
CA GLY A 762 -16.33 8.49 12.23
C GLY A 762 -15.62 7.92 11.02
N THR A 763 -16.06 6.73 10.62
CA THR A 763 -15.46 6.06 9.48
C THR A 763 -15.68 6.86 8.19
N ALA A 764 -16.91 7.31 7.98
CA ALA A 764 -17.21 8.06 6.76
C ALA A 764 -16.42 9.36 6.70
N ALA A 765 -16.33 10.09 7.82
CA ALA A 765 -15.54 11.31 7.84
C ALA A 765 -14.06 11.02 7.63
N THR A 766 -13.57 9.94 8.22
CA THR A 766 -12.17 9.57 8.06
C THR A 766 -11.83 9.32 6.59
N PHE A 767 -12.66 8.52 5.91
CA PHE A 767 -12.38 8.23 4.52
C PHE A 767 -12.69 9.42 3.62
N LYS A 768 -13.58 10.31 4.04
CA LYS A 768 -13.73 11.58 3.33
C LYS A 768 -12.43 12.37 3.37
N ASP A 769 -11.84 12.49 4.55
CA ASP A 769 -10.58 13.22 4.67
C ASP A 769 -9.48 12.53 3.87
N LEU A 770 -9.48 11.20 3.84
CA LEU A 770 -8.47 10.48 3.07
C LEU A 770 -8.65 10.67 1.57
N GLN A 771 -9.89 10.65 1.09
CA GLN A 771 -10.16 10.51 -0.34
C GLN A 771 -10.42 11.83 -1.04
N GLU A 772 -10.71 12.91 -0.31
CA GLU A 772 -11.06 14.17 -0.96
C GLU A 772 -9.95 14.65 -1.90
N GLY A 773 -8.73 14.71 -1.40
CA GLY A 773 -7.60 15.12 -2.22
C GLY A 773 -6.74 13.99 -2.73
N ALA A 774 -7.15 12.74 -2.51
CA ALA A 774 -6.30 11.60 -2.83
C ALA A 774 -6.04 11.50 -4.32
N ASN A 775 -7.08 11.68 -5.15
CA ASN A 775 -6.91 11.54 -6.59
C ASN A 775 -5.95 12.61 -7.13
N TYR A 776 -6.13 13.85 -6.68
CA TYR A 776 -5.23 14.92 -7.12
C TYR A 776 -3.81 14.67 -6.65
N ASP A 777 -3.64 14.21 -5.41
CA ASP A 777 -2.31 13.94 -4.90
C ASP A 777 -1.63 12.83 -5.70
N LEU A 778 -2.39 11.78 -6.03
CA LEU A 778 -1.81 10.68 -6.80
C LEU A 778 -1.46 11.12 -8.21
N ILE A 779 -2.28 11.98 -8.82
CA ILE A 779 -1.96 12.49 -10.15
C ILE A 779 -0.66 13.30 -10.10
N ILE A 780 -0.53 14.17 -9.10
CA ILE A 780 0.69 14.95 -8.96
C ILE A 780 1.90 14.06 -8.72
N ALA A 781 1.73 13.03 -7.88
CA ALA A 781 2.83 12.11 -7.61
C ALA A 781 3.26 11.36 -8.88
N GLY A 782 2.28 10.90 -9.67
CA GLY A 782 2.63 10.22 -10.91
C GLY A 782 3.31 11.14 -11.91
N ILE A 783 2.86 12.38 -12.02
CA ILE A 783 3.50 13.34 -12.91
C ILE A 783 4.94 13.60 -12.44
N ALA A 784 5.13 13.75 -11.13
CA ALA A 784 6.48 13.96 -10.61
C ALA A 784 7.37 12.75 -10.89
N ALA A 785 6.83 11.54 -10.75
CA ALA A 785 7.61 10.34 -11.05
C ALA A 785 8.00 10.30 -12.52
N LEU A 786 7.07 10.63 -13.42
CA LEU A 786 7.41 10.67 -14.83
C LEU A 786 8.50 11.69 -15.11
N CYS A 787 8.38 12.89 -14.51
CA CYS A 787 9.38 13.92 -14.73
C CYS A 787 10.75 13.48 -14.22
N LEU A 788 10.79 12.87 -13.04
CA LEU A 788 12.07 12.45 -12.47
C LEU A 788 12.71 11.34 -13.30
N ILE A 789 11.90 10.37 -13.75
CA ILE A 789 12.44 9.31 -14.60
C ILE A 789 12.96 9.89 -15.90
N PHE A 790 12.25 10.87 -16.46
CA PHE A 790 12.71 11.52 -17.67
C PHE A 790 14.04 12.24 -17.44
N ILE A 791 14.18 12.90 -16.28
CA ILE A 791 15.43 13.58 -15.96
C ILE A 791 16.57 12.58 -15.85
N ILE A 792 16.33 11.44 -15.20
CA ILE A 792 17.38 10.43 -15.06
C ILE A 792 17.78 9.89 -16.43
N MET A 793 16.81 9.60 -17.29
CA MET A 793 17.12 9.14 -18.63
C MET A 793 17.89 10.19 -19.42
N LEU A 794 17.53 11.46 -19.25
CA LEU A 794 18.24 12.54 -19.92
C LEU A 794 19.68 12.63 -19.43
N ILE A 795 19.89 12.47 -18.12
CA ILE A 795 21.25 12.51 -17.57
C ILE A 795 22.08 11.36 -18.12
N ILE A 796 21.48 10.19 -18.28
CA ILE A 796 22.25 9.03 -18.72
C ILE A 796 22.50 9.09 -20.22
N THR A 797 21.44 9.08 -21.01
CA THR A 797 21.58 8.94 -22.46
C THR A 797 21.95 10.24 -23.16
N ARG A 798 21.77 11.39 -22.50
CA ARG A 798 22.05 12.70 -23.08
C ARG A 798 21.22 12.96 -24.35
N ALA A 799 20.09 12.28 -24.49
CA ALA A 799 19.21 12.45 -25.64
C ALA A 799 17.80 12.75 -25.17
N VAL A 800 17.23 13.85 -25.65
CA VAL A 800 15.88 14.23 -25.24
C VAL A 800 14.85 13.28 -25.81
N VAL A 801 14.96 12.98 -27.11
CA VAL A 801 13.94 12.16 -27.77
C VAL A 801 13.98 10.73 -27.25
N ALA A 802 15.18 10.18 -27.04
CA ALA A 802 15.29 8.83 -26.51
C ALA A 802 14.67 8.75 -25.12
N SER A 803 14.94 9.73 -24.27
CA SER A 803 14.34 9.75 -22.94
C SER A 803 12.83 9.86 -23.00
N ALA A 804 12.32 10.72 -23.90
CA ALA A 804 10.88 10.87 -24.04
C ALA A 804 10.24 9.56 -24.49
N VAL A 805 10.86 8.86 -25.44
CA VAL A 805 10.34 7.58 -25.89
C VAL A 805 10.36 6.56 -24.77
N ILE A 806 11.45 6.52 -24.00
CA ILE A 806 11.58 5.58 -22.90
C ILE A 806 10.46 5.79 -21.88
N VAL A 807 10.19 7.06 -21.54
CA VAL A 807 9.19 7.32 -20.53
C VAL A 807 7.77 7.30 -21.08
N GLY A 808 7.59 7.36 -22.39
CA GLY A 808 6.26 7.35 -22.96
C GLY A 808 5.76 5.96 -23.29
N THR A 809 6.68 5.06 -23.66
CA THR A 809 6.28 3.69 -23.96
C THR A 809 5.67 3.02 -22.73
N VAL A 810 6.25 3.26 -21.56
CA VAL A 810 5.72 2.66 -20.33
C VAL A 810 4.35 3.27 -20.00
N VAL A 811 4.18 4.57 -20.23
CA VAL A 811 2.88 5.20 -20.02
C VAL A 811 1.84 4.55 -20.92
N ILE A 812 2.21 4.26 -22.17
CA ILE A 812 1.28 3.60 -23.07
C ILE A 812 0.96 2.19 -22.57
N SER A 813 1.98 1.45 -22.11
CA SER A 813 1.76 0.09 -21.64
C SER A 813 0.96 0.03 -20.34
N LEU A 814 0.91 1.14 -19.60
CA LEU A 814 0.06 1.20 -18.41
C LEU A 814 -1.38 0.86 -18.73
N GLY A 815 -1.85 1.23 -19.92
CA GLY A 815 -3.22 0.90 -20.31
C GLY A 815 -3.45 -0.60 -20.35
N ALA A 816 -2.54 -1.34 -20.97
CA ALA A 816 -2.69 -2.79 -21.03
C ALA A 816 -2.55 -3.43 -19.65
N SER A 817 -1.62 -2.91 -18.83
CA SER A 817 -1.50 -3.46 -17.48
C SER A 817 -2.78 -3.26 -16.68
N PHE A 818 -3.33 -2.05 -16.73
CA PHE A 818 -4.59 -1.75 -16.05
C PHE A 818 -5.71 -2.63 -16.58
N GLY A 819 -5.77 -2.81 -17.90
CA GLY A 819 -6.82 -3.64 -18.48
C GLY A 819 -6.74 -5.07 -18.01
N LEU A 820 -5.54 -5.65 -18.00
CA LEU A 820 -5.38 -7.02 -17.52
C LEU A 820 -5.78 -7.15 -16.06
N SER A 821 -5.36 -6.19 -15.23
CA SER A 821 -5.67 -6.28 -13.80
C SER A 821 -7.16 -6.17 -13.55
N VAL A 822 -7.80 -5.14 -14.13
CA VAL A 822 -9.23 -4.96 -13.93
C VAL A 822 -10.02 -6.09 -14.56
N LEU A 823 -9.52 -6.70 -15.63
CA LEU A 823 -10.19 -7.89 -16.14
C LEU A 823 -10.13 -9.01 -15.12
N ILE A 824 -8.93 -9.47 -14.79
CA ILE A 824 -8.77 -10.65 -13.93
C ILE A 824 -9.46 -10.42 -12.59
N TRP A 825 -8.98 -9.45 -11.81
CA TRP A 825 -9.44 -9.33 -10.43
C TRP A 825 -10.93 -9.00 -10.37
N GLN A 826 -11.40 -8.08 -11.19
CA GLN A 826 -12.78 -7.63 -11.05
C GLN A 826 -13.77 -8.62 -11.64
N HIS A 827 -13.40 -9.38 -12.68
CA HIS A 827 -14.36 -10.25 -13.34
C HIS A 827 -14.15 -11.72 -13.05
N ILE A 828 -12.94 -12.25 -13.25
CA ILE A 828 -12.72 -13.68 -13.04
C ILE A 828 -12.70 -14.00 -11.55
N ILE A 829 -11.80 -13.36 -10.81
CA ILE A 829 -11.75 -13.57 -9.37
C ILE A 829 -13.00 -13.03 -8.70
N GLY A 830 -13.45 -11.84 -9.11
CA GLY A 830 -14.63 -11.22 -8.56
C GLY A 830 -14.36 -10.13 -7.54
N LEU A 831 -13.12 -9.99 -7.07
CA LEU A 831 -12.78 -8.99 -6.08
C LEU A 831 -12.32 -7.72 -6.79
N GLU A 832 -13.02 -6.62 -6.56
CA GLU A 832 -12.68 -5.36 -7.20
C GLU A 832 -11.33 -4.87 -6.71
N LEU A 833 -10.65 -4.12 -7.58
CA LEU A 833 -9.33 -3.59 -7.24
C LEU A 833 -9.45 -2.60 -6.09
N HIS A 834 -8.57 -2.73 -5.11
CA HIS A 834 -8.51 -1.76 -4.02
C HIS A 834 -8.05 -0.41 -4.56
N TRP A 835 -8.53 0.66 -3.94
CA TRP A 835 -8.29 2.00 -4.43
C TRP A 835 -6.85 2.48 -4.20
N MET A 836 -6.03 1.71 -3.50
CA MET A 836 -4.61 1.99 -3.38
C MET A 836 -3.77 1.19 -4.38
N VAL A 837 -4.38 0.21 -5.04
CA VAL A 837 -3.61 -0.75 -5.85
C VAL A 837 -3.01 -0.06 -7.07
N LEU A 838 -3.82 0.72 -7.79
CA LEU A 838 -3.31 1.41 -8.98
C LEU A 838 -2.22 2.40 -8.60
N ALA A 839 -2.41 3.12 -7.50
CA ALA A 839 -1.41 4.08 -7.06
C ALA A 839 -0.09 3.41 -6.74
N MET A 840 -0.13 2.27 -6.03
CA MET A 840 1.11 1.58 -5.71
C MET A 840 1.74 0.90 -6.92
N ALA A 841 0.93 0.50 -7.91
CA ALA A 841 1.45 -0.29 -9.02
C ALA A 841 2.00 0.57 -10.15
N VAL A 842 1.38 1.73 -10.40
CA VAL A 842 1.81 2.57 -11.51
C VAL A 842 3.26 3.03 -11.32
N ILE A 843 3.63 3.36 -10.09
CA ILE A 843 4.98 3.82 -9.81
C ILE A 843 6.01 2.76 -10.18
N VAL A 844 5.80 1.53 -9.70
CA VAL A 844 6.76 0.46 -9.97
C VAL A 844 6.78 0.12 -11.46
N LEU A 845 5.62 0.12 -12.10
CA LEU A 845 5.58 -0.15 -13.54
C LEU A 845 6.38 0.87 -14.31
N LEU A 846 6.17 2.15 -14.02
CA LEU A 846 6.90 3.22 -14.70
C LEU A 846 8.39 3.09 -14.47
N ALA A 847 8.79 2.75 -13.23
CA ALA A 847 10.21 2.61 -12.95
C ALA A 847 10.84 1.47 -13.75
N VAL A 848 10.26 0.27 -13.64
CA VAL A 848 10.95 -0.90 -14.18
C VAL A 848 10.87 -0.97 -15.69
N GLY A 849 9.72 -0.61 -16.28
CA GLY A 849 9.65 -0.59 -17.73
C GLY A 849 10.62 0.40 -18.34
N ALA A 850 10.73 1.59 -17.74
CA ALA A 850 11.72 2.56 -18.17
C ALA A 850 13.13 2.03 -17.97
N ASP A 851 13.34 1.21 -16.95
CA ASP A 851 14.67 0.64 -16.75
C ASP A 851 15.05 -0.30 -17.88
N TYR A 852 14.11 -1.17 -18.28
CA TYR A 852 14.36 -2.08 -19.39
C TYR A 852 14.59 -1.30 -20.68
N ASN A 853 13.77 -0.28 -20.92
CA ASN A 853 13.97 0.56 -22.10
C ASN A 853 15.32 1.26 -22.06
N LEU A 854 15.76 1.67 -20.88
CA LEU A 854 17.09 2.26 -20.73
C LEU A 854 18.18 1.28 -21.13
N LEU A 855 18.09 0.05 -20.66
CA LEU A 855 19.09 -0.94 -21.04
C LEU A 855 19.12 -1.12 -22.55
N LEU A 856 17.95 -1.27 -23.18
CA LEU A 856 17.91 -1.46 -24.62
C LEU A 856 18.47 -0.26 -25.36
N VAL A 857 18.10 0.95 -24.93
CA VAL A 857 18.52 2.16 -25.64
C VAL A 857 20.01 2.39 -25.48
N SER A 858 20.55 2.12 -24.29
CA SER A 858 22.00 2.24 -24.11
C SER A 858 22.74 1.26 -24.99
N ARG A 859 22.26 0.02 -25.08
CA ARG A 859 22.91 -0.94 -25.96
C ARG A 859 22.83 -0.49 -27.42
N ILE A 860 21.70 0.11 -27.82
CA ILE A 860 21.60 0.67 -29.16
C ILE A 860 22.64 1.76 -29.35
N LYS A 861 22.79 2.64 -28.36
CA LYS A 861 23.75 3.73 -28.46
C LYS A 861 25.17 3.21 -28.64
N GLU A 862 25.50 2.11 -27.97
CA GLU A 862 26.84 1.55 -28.12
C GLU A 862 27.08 1.03 -29.54
N GLU A 863 26.02 0.71 -30.28
CA GLU A 863 26.14 0.09 -31.58
C GLU A 863 25.81 1.01 -32.74
N ILE A 864 25.67 2.32 -32.51
CA ILE A 864 25.30 3.24 -33.58
C ILE A 864 26.40 3.34 -34.63
N HIS A 865 27.66 3.16 -34.22
CA HIS A 865 28.77 3.37 -35.14
C HIS A 865 28.68 2.47 -36.37
N ALA A 866 27.98 1.35 -36.28
CA ALA A 866 27.77 0.47 -37.42
C ALA A 866 26.59 0.87 -38.29
N GLY A 867 25.76 1.80 -37.82
CA GLY A 867 24.57 2.22 -38.56
C GLY A 867 23.37 2.21 -37.64
N LEU A 868 22.33 2.94 -38.03
CA LEU A 868 21.13 3.03 -37.20
C LEU A 868 20.35 1.72 -37.19
N ASN A 869 20.22 1.06 -38.35
CA ASN A 869 19.51 -0.20 -38.43
C ASN A 869 20.35 -1.38 -37.96
N THR A 870 21.61 -1.46 -38.40
CA THR A 870 22.50 -2.49 -37.91
C THR A 870 22.71 -2.36 -36.41
N GLY A 871 22.73 -1.13 -35.90
CA GLY A 871 22.84 -0.93 -34.48
C GLY A 871 21.67 -1.49 -33.71
N ILE A 872 20.45 -1.23 -34.19
CA ILE A 872 19.27 -1.78 -33.54
C ILE A 872 19.28 -3.30 -33.59
N ILE A 873 19.62 -3.87 -34.75
CA ILE A 873 19.64 -5.32 -34.91
C ILE A 873 20.64 -5.95 -33.93
N ARG A 874 21.85 -5.40 -33.89
CA ARG A 874 22.88 -5.96 -33.02
C ARG A 874 22.54 -5.78 -31.55
N SER A 875 21.98 -4.63 -31.18
CA SER A 875 21.60 -4.41 -29.79
C SER A 875 20.50 -5.36 -29.35
N MET A 876 19.49 -5.55 -30.20
CA MET A 876 18.43 -6.50 -29.85
C MET A 876 18.98 -7.91 -29.75
N GLY A 877 19.84 -8.31 -30.68
CA GLY A 877 20.46 -9.61 -30.59
C GLY A 877 21.25 -9.78 -29.30
N GLY A 878 21.97 -8.73 -28.89
CA GLY A 878 22.76 -8.83 -27.68
C GLY A 878 21.91 -8.92 -26.42
N THR A 879 20.86 -8.12 -26.33
CA THR A 879 20.11 -7.99 -25.08
C THR A 879 18.82 -8.79 -25.03
N GLY A 880 18.47 -9.51 -26.09
CA GLY A 880 17.21 -10.24 -26.09
C GLY A 880 17.00 -11.16 -24.91
N SER A 881 17.82 -12.21 -24.82
CA SER A 881 17.67 -13.18 -23.76
C SER A 881 17.91 -12.55 -22.39
N VAL A 882 18.85 -11.62 -22.27
CA VAL A 882 19.16 -11.02 -20.98
C VAL A 882 17.96 -10.25 -20.45
N VAL A 883 17.40 -9.36 -21.26
CA VAL A 883 16.26 -8.58 -20.77
C VAL A 883 15.02 -9.45 -20.63
N THR A 884 14.87 -10.48 -21.48
CA THR A 884 13.74 -11.38 -21.33
C THR A 884 13.80 -12.12 -19.99
N SER A 885 14.98 -12.62 -19.63
CA SER A 885 15.14 -13.30 -18.35
C SER A 885 14.90 -12.35 -17.20
N ALA A 886 15.44 -11.13 -17.29
CA ALA A 886 15.26 -10.16 -16.21
C ALA A 886 13.79 -9.80 -16.04
N GLY A 887 13.10 -9.56 -17.16
CA GLY A 887 11.69 -9.21 -17.07
C GLY A 887 10.83 -10.35 -16.55
N LEU A 888 11.10 -11.57 -17.00
CA LEU A 888 10.35 -12.72 -16.49
C LEU A 888 10.58 -12.89 -14.99
N VAL A 889 11.84 -12.76 -14.54
CA VAL A 889 12.14 -12.89 -13.12
C VAL A 889 11.40 -11.82 -12.32
N PHE A 890 11.47 -10.58 -12.79
CA PHE A 890 10.82 -9.49 -12.06
C PHE A 890 9.31 -9.70 -12.00
N ALA A 891 8.70 -10.02 -13.14
CA ALA A 891 7.25 -10.19 -13.19
C ALA A 891 6.78 -11.33 -12.31
N PHE A 892 7.49 -12.45 -12.35
CA PHE A 892 7.06 -13.61 -11.58
C PHE A 892 7.34 -13.44 -10.09
N THR A 893 8.44 -12.76 -9.73
CA THR A 893 8.64 -12.38 -8.35
C THR A 893 7.53 -11.46 -7.86
N MET A 894 7.11 -10.53 -8.72
CA MET A 894 6.05 -9.60 -8.34
C MET A 894 4.72 -10.33 -8.15
N MET A 895 4.39 -11.25 -9.06
CA MET A 895 3.15 -12.02 -8.91
C MET A 895 3.27 -13.10 -7.84
N SER A 896 4.46 -13.33 -7.29
CA SER A 896 4.58 -14.25 -6.17
C SER A 896 3.81 -13.76 -4.94
N MET A 897 3.40 -12.48 -4.92
CA MET A 897 2.54 -11.99 -3.85
C MET A 897 1.13 -12.53 -3.91
N ALA A 898 0.78 -13.31 -4.93
CA ALA A 898 -0.58 -13.82 -5.03
C ALA A 898 -0.95 -14.71 -3.86
N VAL A 899 0.03 -15.22 -3.11
CA VAL A 899 -0.24 -16.04 -1.93
C VAL A 899 -0.39 -15.21 -0.67
N SER A 900 -0.33 -13.88 -0.77
CA SER A 900 -0.49 -13.04 0.40
C SER A 900 -1.91 -13.10 0.92
N GLU A 901 -2.04 -13.05 2.25
CA GLU A 901 -3.35 -12.94 2.88
C GLU A 901 -3.91 -11.53 2.83
N LEU A 902 -3.08 -10.53 2.54
CA LEU A 902 -3.53 -9.17 2.31
C LEU A 902 -3.91 -9.06 0.84
N ALA A 903 -5.21 -9.03 0.56
CA ALA A 903 -5.65 -9.02 -0.83
C ALA A 903 -5.19 -7.76 -1.55
N VAL A 904 -4.97 -6.67 -0.82
CA VAL A 904 -4.40 -5.47 -1.44
C VAL A 904 -2.98 -5.75 -1.91
N ILE A 905 -2.19 -6.41 -1.07
CA ILE A 905 -0.83 -6.79 -1.44
C ILE A 905 -0.83 -7.71 -2.64
N ALA A 906 -1.71 -8.71 -2.64
CA ALA A 906 -1.79 -9.63 -3.76
C ALA A 906 -2.19 -8.92 -5.04
N GLN A 907 -3.16 -8.00 -4.96
CA GLN A 907 -3.59 -7.26 -6.14
C GLN A 907 -2.48 -6.40 -6.68
N VAL A 908 -1.74 -5.71 -5.80
CA VAL A 908 -0.62 -4.88 -6.26
C VAL A 908 0.44 -5.74 -6.93
N GLY A 909 0.77 -6.87 -6.30
CA GLY A 909 1.79 -7.74 -6.87
C GLY A 909 1.40 -8.30 -8.21
N THR A 910 0.15 -8.78 -8.33
CA THR A 910 -0.30 -9.32 -9.60
C THR A 910 -0.38 -8.25 -10.68
N THR A 911 -0.82 -7.04 -10.32
CA THR A 911 -0.86 -5.96 -11.29
C THR A 911 0.53 -5.63 -11.82
N ILE A 912 1.50 -5.47 -10.91
CA ILE A 912 2.85 -5.14 -11.34
C ILE A 912 3.44 -6.29 -12.16
N GLY A 913 3.19 -7.53 -11.75
CA GLY A 913 3.71 -8.67 -12.50
C GLY A 913 3.14 -8.76 -13.89
N LEU A 914 1.82 -8.53 -14.03
CA LEU A 914 1.21 -8.55 -15.34
C LEU A 914 1.75 -7.43 -16.22
N GLY A 915 1.93 -6.25 -15.63
CA GLY A 915 2.49 -5.15 -16.40
C GLY A 915 3.91 -5.42 -16.88
N LEU A 916 4.74 -5.99 -15.99
CA LEU A 916 6.11 -6.34 -16.40
C LEU A 916 6.12 -7.45 -17.43
N LEU A 917 5.24 -8.44 -17.31
CA LEU A 917 5.15 -9.46 -18.33
C LEU A 917 4.78 -8.84 -19.67
N PHE A 918 3.78 -7.96 -19.67
CA PHE A 918 3.34 -7.34 -20.91
C PHE A 918 4.44 -6.50 -21.54
N ASP A 919 5.09 -5.63 -20.76
CA ASP A 919 6.05 -4.76 -21.41
C ASP A 919 7.32 -5.49 -21.78
N THR A 920 7.76 -6.48 -21.00
CA THR A 920 8.87 -7.34 -21.42
C THR A 920 8.57 -8.07 -22.72
N LEU A 921 7.34 -8.57 -22.90
CA LEU A 921 7.01 -9.30 -24.11
C LEU A 921 6.66 -8.41 -25.30
N VAL A 922 6.34 -7.13 -25.07
CA VAL A 922 5.85 -6.31 -26.17
C VAL A 922 6.68 -5.04 -26.34
N ILE A 923 6.77 -4.24 -25.28
CA ILE A 923 7.29 -2.88 -25.41
C ILE A 923 8.76 -2.90 -25.83
N ARG A 924 9.62 -3.43 -24.95
CA ARG A 924 11.04 -3.47 -25.24
C ARG A 924 11.34 -4.30 -26.49
N SER A 925 10.50 -5.29 -26.79
CA SER A 925 10.78 -6.17 -27.92
C SER A 925 10.47 -5.49 -29.25
N PHE A 926 9.36 -4.77 -29.35
CA PHE A 926 8.94 -4.28 -30.65
C PHE A 926 8.68 -2.78 -30.68
N MET A 927 8.11 -2.21 -29.62
CA MET A 927 7.70 -0.82 -29.67
C MET A 927 8.90 0.11 -29.71
N THR A 928 9.76 0.05 -28.69
CA THR A 928 10.93 0.92 -28.66
C THR A 928 11.86 0.72 -29.86
N PRO A 929 12.20 -0.51 -30.27
CA PRO A 929 13.03 -0.64 -31.48
C PRO A 929 12.36 -0.09 -32.72
N SER A 930 11.05 -0.27 -32.88
CA SER A 930 10.37 0.29 -34.04
C SER A 930 10.37 1.80 -34.00
N ILE A 931 10.17 2.40 -32.82
CA ILE A 931 10.22 3.85 -32.71
C ILE A 931 11.61 4.35 -33.04
N ALA A 932 12.64 3.66 -32.57
CA ALA A 932 14.01 4.05 -32.89
C ALA A 932 14.27 3.99 -34.39
N ALA A 933 13.83 2.91 -35.03
CA ALA A 933 14.03 2.77 -36.46
C ALA A 933 13.29 3.86 -37.23
N LEU A 934 12.06 4.18 -36.81
CA LEU A 934 11.29 5.23 -37.47
C LEU A 934 11.95 6.59 -37.31
N MET A 935 12.42 6.89 -36.09
CA MET A 935 13.01 8.20 -35.83
C MET A 935 14.35 8.36 -36.54
N GLY A 936 15.13 7.29 -36.64
CA GLY A 936 16.43 7.39 -37.28
C GLY A 936 17.40 8.25 -36.52
N LYS A 937 17.95 9.27 -37.18
CA LYS A 937 18.94 10.13 -36.53
C LYS A 937 18.32 11.01 -35.45
N TRP A 938 17.02 11.26 -35.52
CA TRP A 938 16.35 12.11 -34.54
C TRP A 938 16.13 11.41 -33.21
N PHE A 939 16.37 10.10 -33.14
CA PHE A 939 16.27 9.40 -31.86
C PHE A 939 17.30 9.92 -30.88
N TRP A 940 18.52 10.19 -31.36
CA TRP A 940 19.60 10.73 -30.53
C TRP A 940 19.68 12.23 -30.80
N TRP A 941 18.75 12.97 -30.23
CA TRP A 941 18.72 14.41 -30.39
C TRP A 941 18.89 15.07 -29.03
N PRO A 942 19.74 16.11 -28.92
CA PRO A 942 20.49 16.70 -30.03
C PRO A 942 21.89 16.11 -30.22
N GLN A 943 22.06 14.84 -29.88
CA GLN A 943 23.35 14.20 -30.02
C GLN A 943 23.75 14.10 -31.49
N ARG A 944 25.05 14.22 -31.74
CA ARG A 944 25.57 14.02 -33.09
C ARG A 944 25.47 12.56 -33.47
N VAL A 945 24.99 12.30 -34.68
CA VAL A 945 24.73 10.95 -35.15
C VAL A 945 25.55 10.69 -36.40
N ARG A 946 26.24 9.53 -36.42
CA ARG A 946 27.01 9.14 -37.60
C ARG A 946 26.10 8.97 -38.81
N GLN A 947 24.92 8.37 -38.60
CA GLN A 947 23.80 8.19 -39.53
C GLN A 947 24.15 7.31 -40.72
N ARG A 948 25.37 6.80 -40.83
CA ARG A 948 25.75 5.89 -41.90
C ARG A 948 26.99 5.12 -41.47
N PRO A 949 27.18 3.89 -41.96
CA PRO A 949 28.36 3.09 -41.62
C PRO A 949 29.67 3.75 -42.04
#